data_5YKT
#
_entry.id   5YKT
#
_cell.length_a   89.730
_cell.length_b   97.104
_cell.length_c   100.520
_cell.angle_alpha   90.00
_cell.angle_beta   90.00
_cell.angle_gamma   90.00
#
_symmetry.space_group_name_H-M   'P 21 21 21'
#
loop_
_entity.id
_entity.type
_entity.pdbx_description
1 polymer 'Probable aminotransferase'
2 non-polymer "4'-DEOXY-4'-AMINOPYRIDOXAL-5'-PHOSPHATE"
3 non-polymer GLYCEROL
4 water water
#
_entity_poly.entity_id   1
_entity_poly.type   'polypeptide(L)'
_entity_poly.pdbx_seq_one_letter_code
;MDTTFGLDLARVETLFKRELRRFDELHPRSAQAYRENRRHWLYGAPLHWMQQWPGNCPLLVKEAQGARVTDIDGQQYVDF
ALGDSGAMFGHAQPAVADAIARQARRGSTLMLPTEDSLWVGAELARRFGLPYWQVTTSATDANRFVLRLCRMLSGRDKVV
VFNCNYHGSVDESQVEFDAAGRMVPRAGVHPNGVRHATTTRLVEFNDLDALEAALAHGDVAAVLTEPFMTNVGMVPPAEG
FHAGLRELTRRHDVALIIDETHTISCGPAGYSGAHGLEPDFFVLGACIAGGIPSAVWGCSQAQAERIWAVLPHFRPGQAI
NHFGFGGTLAGNALQLAAMRATFAEVMTEDAYRHMFQLAAQLEAGVRATLEELRLPWHVTRIGARVEYLFMTHAPRNGGE
AHHARNGLIEACLHLYLLNRGVLLTPFHNMALTCPATRAEDVELHDRLLRDCLGELLERPS
;
_entity_poly.pdbx_strand_id   A,B
#
# COMPACT_ATOMS: atom_id res chain seq x y z
N PHE A 5 15.45 35.38 -5.26
CA PHE A 5 15.20 34.45 -6.41
C PHE A 5 14.87 35.19 -7.72
N GLY A 6 15.31 36.45 -7.85
CA GLY A 6 14.92 37.30 -8.96
C GLY A 6 13.56 37.96 -8.84
N LEU A 7 12.79 37.63 -7.80
CA LEU A 7 11.48 38.22 -7.57
C LEU A 7 11.46 38.94 -6.23
N ASP A 8 10.70 40.02 -6.19
CA ASP A 8 10.37 40.68 -4.94
C ASP A 8 9.29 39.85 -4.26
N LEU A 9 9.64 39.20 -3.15
CA LEU A 9 8.70 38.35 -2.41
C LEU A 9 7.47 39.10 -1.91
N ALA A 10 7.59 40.41 -1.74
CA ALA A 10 6.46 41.29 -1.42
C ALA A 10 5.46 41.42 -2.56
N ARG A 11 5.96 41.53 -3.79
CA ARG A 11 5.07 41.53 -4.96
C ARG A 11 4.41 40.16 -5.11
N VAL A 12 5.16 39.10 -4.81
CA VAL A 12 4.66 37.73 -4.88
C VAL A 12 3.48 37.59 -3.91
N GLU A 13 3.65 38.05 -2.68
CA GLU A 13 2.58 38.03 -1.69
C GLU A 13 1.35 38.80 -2.12
N THR A 14 1.54 40.00 -2.69
CA THR A 14 0.42 40.79 -3.15
C THR A 14 -0.41 40.07 -4.22
N LEU A 15 0.27 39.48 -5.20
CA LEU A 15 -0.41 38.75 -6.26
C LEU A 15 -1.09 37.52 -5.68
N PHE A 16 -0.38 36.81 -4.80
CA PHE A 16 -0.92 35.61 -4.18
C PHE A 16 -2.24 35.90 -3.45
N LYS A 17 -2.27 36.97 -2.68
CA LYS A 17 -3.48 37.41 -1.98
C LYS A 17 -4.62 37.68 -2.95
N ARG A 18 -4.32 38.36 -4.05
CA ARG A 18 -5.35 38.64 -5.07
C ARG A 18 -5.88 37.34 -5.68
N GLU A 19 -4.98 36.41 -5.97
CA GLU A 19 -5.36 35.12 -6.57
C GLU A 19 -6.12 34.22 -5.58
N LEU A 20 -5.84 34.34 -4.28
CA LEU A 20 -6.63 33.59 -3.29
C LEU A 20 -8.07 34.09 -3.27
N ARG A 21 -8.29 35.40 -3.36
CA ARG A 21 -9.64 35.95 -3.49
C ARG A 21 -10.32 35.50 -4.79
N ARG A 22 -9.57 35.56 -5.90
CA ARG A 22 -10.05 35.04 -7.19
C ARG A 22 -10.47 33.56 -7.09
N PHE A 23 -9.66 32.77 -6.40
CA PHE A 23 -9.97 31.35 -6.21
C PHE A 23 -11.31 31.19 -5.49
N ASP A 24 -11.53 31.98 -4.44
CA ASP A 24 -12.77 31.90 -3.66
C ASP A 24 -13.99 32.21 -4.54
N GLU A 25 -13.87 33.24 -5.36
CA GLU A 25 -14.96 33.66 -6.24
C GLU A 25 -15.25 32.65 -7.35
N LEU A 26 -14.22 32.00 -7.87
CA LEU A 26 -14.35 31.05 -8.97
C LEU A 26 -14.84 29.65 -8.53
N HIS A 27 -14.57 29.27 -7.28
CA HIS A 27 -14.81 27.87 -6.84
C HIS A 27 -15.69 27.72 -5.60
N PRO A 28 -16.88 28.37 -5.59
CA PRO A 28 -17.70 28.35 -4.36
C PRO A 28 -18.22 26.96 -3.95
N ARG A 29 -18.57 26.12 -4.92
CA ARG A 29 -19.06 24.78 -4.61
C ARG A 29 -17.96 23.89 -4.03
N SER A 30 -16.72 24.00 -4.53
CA SER A 30 -15.62 23.30 -3.90
C SER A 30 -15.38 23.78 -2.46
N ALA A 31 -15.49 25.09 -2.23
CA ALA A 31 -15.34 25.64 -0.88
C ALA A 31 -16.42 25.12 0.06
N GLN A 32 -17.65 25.03 -0.42
CA GLN A 32 -18.77 24.48 0.34
C GLN A 32 -18.49 23.01 0.66
N ALA A 33 -18.03 22.27 -0.34
CA ALA A 33 -17.69 20.86 -0.12
C ALA A 33 -16.58 20.71 0.91
N TYR A 34 -15.62 21.61 0.91
CA TYR A 34 -14.53 21.56 1.91
C TYR A 34 -15.05 21.75 3.34
N ARG A 35 -15.98 22.69 3.53
CA ARG A 35 -16.63 22.89 4.83
C ARG A 35 -17.27 21.58 5.32
N GLU A 36 -17.94 20.86 4.42
CA GLU A 36 -18.57 19.58 4.78
C GLU A 36 -17.52 18.51 5.03
N ASN A 37 -16.52 18.43 4.16
CA ASN A 37 -15.50 17.39 4.29
C ASN A 37 -14.64 17.58 5.53
N ARG A 38 -14.44 18.82 5.98
CA ARG A 38 -13.69 19.06 7.21
C ARG A 38 -14.40 18.48 8.45
N ARG A 39 -15.70 18.20 8.36
CA ARG A 39 -16.43 17.62 9.47
C ARG A 39 -16.06 16.16 9.73
N HIS A 40 -15.66 15.44 8.68
CA HIS A 40 -15.45 14.00 8.75
C HIS A 40 -14.05 13.52 8.33
N TRP A 41 -13.27 14.30 7.58
CA TRP A 41 -11.90 13.93 7.23
C TRP A 41 -10.97 14.77 8.08
N LEU A 42 -9.98 14.14 8.70
CA LEU A 42 -9.08 14.80 9.63
C LEU A 42 -8.48 16.08 9.03
N TYR A 43 -8.04 16.00 7.77
CA TYR A 43 -7.49 17.16 7.06
C TYR A 43 -8.37 17.65 5.89
N GLY A 44 -9.67 17.42 5.97
CA GLY A 44 -10.63 17.95 5.01
C GLY A 44 -10.66 17.31 3.63
N ALA A 45 -9.97 16.20 3.48
CA ALA A 45 -9.96 15.41 2.26
C ALA A 45 -9.46 14.02 2.67
N PRO A 46 -9.65 13.01 1.83
CA PRO A 46 -9.24 11.65 2.24
C PRO A 46 -7.73 11.48 2.55
N LEU A 47 -6.89 12.28 1.91
CA LEU A 47 -5.43 12.26 2.06
C LEU A 47 -4.99 13.67 2.46
N HIS A 48 -4.16 13.78 3.49
CA HIS A 48 -3.79 15.09 4.02
C HIS A 48 -3.00 15.94 3.01
N TRP A 49 -2.30 15.28 2.08
CA TRP A 49 -1.57 16.00 1.05
C TRP A 49 -2.50 16.85 0.20
N MET A 50 -3.76 16.45 0.09
CA MET A 50 -4.72 17.17 -0.76
C MET A 50 -5.05 18.55 -0.23
N GLN A 51 -4.78 18.81 1.05
CA GLN A 51 -4.93 20.13 1.63
C GLN A 51 -3.86 21.12 1.14
N GLN A 52 -2.84 20.63 0.42
CA GLN A 52 -1.65 21.42 0.09
C GLN A 52 -1.66 21.97 -1.35
N TRP A 53 -2.76 21.76 -2.08
CA TRP A 53 -3.04 22.55 -3.27
C TRP A 53 -3.13 24.03 -2.89
N PRO A 54 -2.74 24.92 -3.81
CA PRO A 54 -2.88 26.32 -3.48
C PRO A 54 -4.36 26.72 -3.62
N GLY A 55 -4.74 27.77 -2.93
CA GLY A 55 -6.12 28.14 -2.83
C GLY A 55 -6.61 27.67 -1.50
N ASN A 56 -7.81 28.08 -1.16
CA ASN A 56 -8.29 27.88 0.20
C ASN A 56 -8.93 26.52 0.43
N CYS A 57 -9.07 25.70 -0.62
CA CYS A 57 -9.48 24.30 -0.47
C CYS A 57 -9.06 23.51 -1.70
N PRO A 58 -8.97 22.18 -1.58
CA PRO A 58 -8.80 21.40 -2.80
C PRO A 58 -10.03 21.46 -3.68
N LEU A 59 -9.82 21.43 -4.98
CA LEU A 59 -10.93 21.31 -5.91
C LEU A 59 -11.59 19.95 -5.79
N LEU A 60 -12.93 19.92 -5.86
CA LEU A 60 -13.63 18.64 -6.03
C LEU A 60 -13.84 18.39 -7.51
N VAL A 61 -13.35 17.25 -7.98
CA VAL A 61 -13.42 16.89 -9.40
C VAL A 61 -14.74 16.22 -9.73
N LYS A 62 -15.37 16.63 -10.82
CA LYS A 62 -16.57 15.99 -11.35
C LYS A 62 -16.19 14.85 -12.29
N GLU A 63 -15.39 15.17 -13.31
CA GLU A 63 -14.90 14.15 -14.20
C GLU A 63 -13.61 14.55 -14.87
N ALA A 64 -12.88 13.53 -15.32
CA ALA A 64 -11.59 13.72 -15.96
C ALA A 64 -11.40 12.66 -17.04
N GLN A 65 -10.81 13.05 -18.16
CA GLN A 65 -10.53 12.16 -19.25
C GLN A 65 -9.33 12.72 -19.98
N GLY A 66 -8.34 11.89 -20.29
CA GLY A 66 -7.15 12.34 -20.98
C GLY A 66 -6.40 13.33 -20.12
N ALA A 67 -6.17 14.54 -20.65
CA ALA A 67 -5.55 15.63 -19.89
C ALA A 67 -6.56 16.73 -19.55
N ARG A 68 -7.85 16.40 -19.52
CA ARG A 68 -8.88 17.38 -19.20
C ARG A 68 -9.57 17.01 -17.88
N VAL A 69 -9.77 18.01 -17.03
CA VAL A 69 -10.45 17.84 -15.75
C VAL A 69 -11.54 18.89 -15.64
N THR A 70 -12.71 18.50 -15.14
CA THR A 70 -13.79 19.45 -14.89
C THR A 70 -14.14 19.35 -13.42
N ASP A 71 -14.22 20.49 -12.73
CA ASP A 71 -14.55 20.49 -11.31
C ASP A 71 -16.06 20.67 -11.09
N ILE A 72 -16.49 20.59 -9.84
CA ILE A 72 -17.92 20.70 -9.53
C ILE A 72 -18.50 22.11 -9.67
N ASP A 73 -17.64 23.13 -9.85
CA ASP A 73 -18.09 24.47 -10.24
C ASP A 73 -18.17 24.64 -11.76
N GLY A 74 -17.91 23.58 -12.51
CA GLY A 74 -17.95 23.65 -13.97
C GLY A 74 -16.71 24.23 -14.62
N GLN A 75 -15.66 24.51 -13.83
CA GLN A 75 -14.42 25.02 -14.38
C GLN A 75 -13.72 23.87 -15.08
N GLN A 76 -13.16 24.15 -16.26
CA GLN A 76 -12.41 23.14 -17.01
C GLN A 76 -10.92 23.44 -16.97
N TYR A 77 -10.10 22.40 -16.88
CA TYR A 77 -8.66 22.54 -16.77
C TYR A 77 -7.94 21.65 -17.74
N VAL A 78 -6.79 22.12 -18.22
CA VAL A 78 -5.77 21.22 -18.73
C VAL A 78 -4.94 20.73 -17.57
N ASP A 79 -4.78 19.41 -17.48
CA ASP A 79 -4.10 18.79 -16.37
C ASP A 79 -2.67 18.36 -16.74
N PHE A 80 -1.69 19.09 -16.20
CA PHE A 80 -0.27 18.71 -16.26
C PHE A 80 0.21 18.09 -14.95
N ALA A 81 -0.69 17.94 -13.99
CA ALA A 81 -0.41 17.32 -12.69
C ALA A 81 -0.56 15.79 -12.77
N LEU A 82 -1.63 15.36 -13.42
CA LEU A 82 -1.89 13.95 -13.71
C LEU A 82 -1.77 13.09 -12.46
N GLY A 83 -2.53 13.51 -11.44
CA GLY A 83 -2.59 12.77 -10.16
C GLY A 83 -1.27 12.74 -9.43
N ASP A 84 -0.49 13.82 -9.57
CA ASP A 84 0.88 13.86 -9.08
C ASP A 84 1.68 12.67 -9.59
N SER A 85 1.56 12.43 -10.90
CA SER A 85 2.20 11.33 -11.63
C SER A 85 1.53 9.96 -11.51
N GLY A 86 0.56 9.80 -10.60
CA GLY A 86 -0.19 8.57 -10.54
C GLY A 86 -1.04 8.26 -11.77
N ALA A 87 -1.40 9.29 -12.52
CA ALA A 87 -2.11 9.13 -13.79
C ALA A 87 -1.24 9.64 -14.93
N MET A 88 0.04 9.28 -14.93
CA MET A 88 0.98 9.92 -15.86
C MET A 88 0.69 9.70 -17.34
N PHE A 89 -0.07 8.68 -17.70
CA PHE A 89 -0.42 8.45 -19.11
C PHE A 89 -1.82 8.98 -19.45
N GLY A 90 -2.39 9.78 -18.56
CA GLY A 90 -3.67 10.39 -18.75
C GLY A 90 -4.74 9.71 -17.91
N HIS A 91 -5.85 10.42 -17.75
CA HIS A 91 -6.99 9.91 -17.03
C HIS A 91 -7.83 9.04 -17.93
N ALA A 92 -8.41 7.99 -17.36
CA ALA A 92 -9.41 7.18 -18.08
C ALA A 92 -8.92 6.65 -19.43
N GLN A 93 -7.69 6.12 -19.44
CA GLN A 93 -7.17 5.45 -20.64
C GLN A 93 -8.15 4.34 -21.00
N PRO A 94 -8.75 4.38 -22.22
CA PRO A 94 -9.82 3.43 -22.49
C PRO A 94 -9.48 1.95 -22.32
N ALA A 95 -8.29 1.54 -22.76
CA ALA A 95 -7.90 0.11 -22.65
C ALA A 95 -7.76 -0.29 -21.20
N VAL A 96 -7.27 0.63 -20.38
CA VAL A 96 -6.99 0.33 -18.98
C VAL A 96 -8.29 0.31 -18.21
N ALA A 97 -9.12 1.32 -18.45
CA ALA A 97 -10.45 1.33 -17.82
C ALA A 97 -11.27 0.10 -18.22
N ASP A 98 -11.21 -0.31 -19.49
CA ASP A 98 -11.95 -1.48 -19.93
C ASP A 98 -11.42 -2.75 -19.25
N ALA A 99 -10.10 -2.85 -19.11
CA ALA A 99 -9.49 -4.03 -18.49
C ALA A 99 -9.88 -4.13 -17.02
N ILE A 100 -9.90 -2.98 -16.35
CA ILE A 100 -10.31 -2.91 -14.93
C ILE A 100 -11.78 -3.32 -14.80
N ALA A 101 -12.64 -2.77 -15.65
CA ALA A 101 -14.04 -3.10 -15.60
C ALA A 101 -14.29 -4.59 -15.83
N ARG A 102 -13.63 -5.16 -16.84
CA ARG A 102 -13.79 -6.59 -17.18
C ARG A 102 -13.34 -7.46 -16.01
N GLN A 103 -12.18 -7.16 -15.46
CA GLN A 103 -11.64 -8.02 -14.41
C GLN A 103 -12.44 -7.87 -13.11
N ALA A 104 -12.92 -6.68 -12.81
CA ALA A 104 -13.76 -6.52 -11.60
C ALA A 104 -14.98 -7.42 -11.63
N ARG A 105 -15.52 -7.65 -12.83
CA ARG A 105 -16.67 -8.52 -13.00
C ARG A 105 -16.35 -10.01 -12.97
N ARG A 106 -15.07 -10.38 -12.88
CA ARG A 106 -14.72 -11.81 -12.78
C ARG A 106 -13.71 -12.15 -11.70
N GLY A 107 -13.61 -11.28 -10.70
CA GLY A 107 -12.79 -11.54 -9.52
C GLY A 107 -11.64 -10.57 -9.44
N SER A 108 -11.66 -9.69 -8.45
N SER A 108 -11.66 -9.69 -8.45
CA SER A 108 -10.61 -8.69 -8.27
CA SER A 108 -10.61 -8.69 -8.27
C SER A 108 -9.47 -9.16 -7.38
C SER A 108 -9.47 -9.16 -7.38
N THR A 109 -9.79 -9.90 -6.31
CA THR A 109 -8.76 -10.36 -5.38
C THR A 109 -9.09 -11.75 -4.84
N LEU A 110 -8.25 -12.69 -5.24
CA LEU A 110 -8.43 -14.10 -4.99
C LEU A 110 -7.33 -14.76 -4.18
N MET A 111 -6.26 -14.03 -3.87
CA MET A 111 -5.04 -14.62 -3.31
C MET A 111 -4.46 -15.68 -4.26
N LEU A 112 -4.75 -15.52 -5.56
CA LEU A 112 -4.33 -16.46 -6.58
C LEU A 112 -4.00 -15.70 -7.86
N PRO A 113 -3.15 -16.31 -8.68
CA PRO A 113 -2.84 -15.72 -9.98
C PRO A 113 -3.94 -15.97 -11.01
N THR A 114 -3.90 -15.16 -12.06
CA THR A 114 -4.71 -15.37 -13.26
C THR A 114 -3.79 -15.42 -14.47
N GLU A 115 -4.36 -15.63 -15.66
CA GLU A 115 -3.54 -15.68 -16.88
C GLU A 115 -2.80 -14.38 -17.15
N ASP A 116 -3.33 -13.26 -16.67
CA ASP A 116 -2.59 -11.99 -16.80
C ASP A 116 -1.23 -12.01 -16.10
N SER A 117 -1.05 -12.77 -15.03
CA SER A 117 0.25 -12.87 -14.38
C SER A 117 1.30 -13.46 -15.32
N LEU A 118 0.91 -14.42 -16.16
CA LEU A 118 1.83 -15.00 -17.12
C LEU A 118 2.33 -13.94 -18.09
N TRP A 119 1.40 -13.19 -18.67
CA TRP A 119 1.75 -12.19 -19.66
C TRP A 119 2.60 -11.08 -19.04
N VAL A 120 2.16 -10.57 -17.88
CA VAL A 120 2.86 -9.45 -17.26
C VAL A 120 4.24 -9.79 -16.79
N GLY A 121 4.43 -10.96 -16.18
CA GLY A 121 5.77 -11.34 -15.77
C GLY A 121 6.76 -11.36 -16.92
N ALA A 122 6.37 -11.94 -18.05
CA ALA A 122 7.21 -12.01 -19.22
C ALA A 122 7.47 -10.63 -19.80
N GLU A 123 6.44 -9.78 -19.78
CA GLU A 123 6.57 -8.41 -20.26
C GLU A 123 7.53 -7.58 -19.41
N LEU A 124 7.47 -7.71 -18.10
CA LEU A 124 8.38 -6.99 -17.21
C LEU A 124 9.83 -7.36 -17.50
N ALA A 125 10.08 -8.67 -17.64
CA ALA A 125 11.43 -9.13 -17.94
C ALA A 125 11.93 -8.62 -19.29
N ARG A 126 11.04 -8.64 -20.29
CA ARG A 126 11.37 -8.13 -21.62
C ARG A 126 11.68 -6.64 -21.59
N ARG A 127 10.76 -5.89 -21.01
CA ARG A 127 10.81 -4.43 -21.00
C ARG A 127 11.96 -3.87 -20.20
N PHE A 128 12.15 -4.37 -18.97
CA PHE A 128 13.09 -3.77 -18.03
C PHE A 128 14.40 -4.56 -17.83
N GLY A 129 14.55 -5.71 -18.48
CA GLY A 129 15.81 -6.39 -18.52
C GLY A 129 16.31 -7.01 -17.24
N LEU A 130 15.40 -7.30 -16.33
CA LEU A 130 15.71 -8.07 -15.12
C LEU A 130 14.77 -9.26 -15.12
N PRO A 131 15.23 -10.43 -14.68
CA PRO A 131 14.41 -11.63 -14.89
C PRO A 131 13.26 -11.88 -13.91
N TYR A 132 13.37 -11.44 -12.66
CA TYR A 132 12.42 -11.87 -11.62
C TYR A 132 11.72 -10.69 -10.97
N TRP A 133 10.40 -10.82 -10.78
CA TRP A 133 9.53 -9.72 -10.35
C TRP A 133 8.63 -10.12 -9.18
N GLN A 134 8.13 -9.12 -8.48
CA GLN A 134 7.06 -9.24 -7.51
C GLN A 134 6.20 -7.98 -7.60
N VAL A 135 4.98 -8.08 -7.10
CA VAL A 135 4.05 -6.97 -7.09
C VAL A 135 3.73 -6.55 -5.66
N THR A 136 3.59 -5.23 -5.43
CA THR A 136 3.15 -4.70 -4.14
C THR A 136 1.97 -3.74 -4.35
N THR A 137 1.46 -3.14 -3.28
CA THR A 137 0.40 -2.15 -3.41
C THR A 137 0.89 -0.71 -3.46
N SER A 138 2.21 -0.50 -3.41
CA SER A 138 2.76 0.86 -3.53
C SER A 138 4.27 0.82 -3.78
N ALA A 139 4.78 1.89 -4.37
CA ALA A 139 6.23 2.02 -4.55
C ALA A 139 6.94 2.06 -3.20
N THR A 140 6.33 2.71 -2.20
CA THR A 140 6.89 2.69 -0.84
C THR A 140 7.13 1.26 -0.40
N ASP A 141 6.12 0.41 -0.55
CA ASP A 141 6.25 -0.97 -0.10
C ASP A 141 7.28 -1.73 -0.91
N ALA A 142 7.35 -1.49 -2.22
CA ALA A 142 8.40 -2.14 -3.01
C ALA A 142 9.77 -1.78 -2.43
N ASN A 143 9.99 -0.50 -2.16
CA ASN A 143 11.26 -0.08 -1.56
C ASN A 143 11.49 -0.73 -0.19
N ARG A 144 10.48 -0.72 0.69
CA ARG A 144 10.63 -1.32 2.02
C ARG A 144 10.99 -2.79 1.94
N PHE A 145 10.32 -3.52 1.06
CA PHE A 145 10.49 -4.96 0.96
C PHE A 145 11.81 -5.33 0.33
N VAL A 146 12.23 -4.59 -0.69
CA VAL A 146 13.56 -4.79 -1.26
C VAL A 146 14.64 -4.55 -0.22
N LEU A 147 14.48 -3.51 0.58
CA LEU A 147 15.46 -3.23 1.63
C LEU A 147 15.56 -4.38 2.63
N ARG A 148 14.41 -4.91 3.02
CA ARG A 148 14.35 -6.09 3.91
C ARG A 148 15.12 -7.26 3.32
N LEU A 149 14.86 -7.56 2.05
CA LEU A 149 15.53 -8.66 1.39
C LEU A 149 17.02 -8.42 1.27
N CYS A 150 17.43 -7.18 1.02
CA CYS A 150 18.83 -6.84 0.99
C CYS A 150 19.51 -7.04 2.33
N ARG A 151 18.86 -6.66 3.42
CA ARG A 151 19.40 -6.93 4.75
C ARG A 151 19.50 -8.44 5.00
N MET A 152 18.48 -9.19 4.60
CA MET A 152 18.49 -10.64 4.76
C MET A 152 19.63 -11.32 4.02
N LEU A 153 19.81 -10.96 2.76
CA LEU A 153 20.79 -11.65 1.92
C LEU A 153 22.22 -11.23 2.24
N SER A 154 22.40 -9.98 2.71
CA SER A 154 23.74 -9.43 2.94
C SER A 154 24.24 -9.62 4.37
N GLY A 155 23.32 -9.73 5.33
CA GLY A 155 23.65 -9.70 6.75
C GLY A 155 24.16 -8.35 7.24
N ARG A 156 23.89 -7.29 6.47
CA ARG A 156 24.29 -5.92 6.82
C ARG A 156 23.03 -5.10 7.05
N ASP A 157 23.14 -4.06 7.89
CA ASP A 157 21.97 -3.34 8.36
C ASP A 157 21.71 -1.98 7.77
N LYS A 158 22.72 -1.33 7.19
CA LYS A 158 22.52 0.06 6.74
C LYS A 158 22.14 0.18 5.28
N VAL A 159 21.39 1.23 4.97
CA VAL A 159 21.06 1.61 3.61
C VAL A 159 21.69 2.96 3.36
N VAL A 160 22.26 3.15 2.18
CA VAL A 160 22.67 4.46 1.69
C VAL A 160 21.53 5.09 0.90
N VAL A 161 21.20 6.33 1.25
CA VAL A 161 20.29 7.15 0.47
C VAL A 161 20.99 8.49 0.24
N PHE A 162 20.41 9.30 -0.65
CA PHE A 162 20.99 10.56 -1.02
C PHE A 162 20.20 11.71 -0.39
N ASN A 163 20.91 12.79 -0.07
CA ASN A 163 20.28 13.94 0.55
C ASN A 163 19.19 14.51 -0.37
N CYS A 164 18.02 14.77 0.23
CA CYS A 164 16.83 15.29 -0.46
C CYS A 164 16.20 14.29 -1.43
N ASN A 165 16.37 13.00 -1.13
CA ASN A 165 15.64 11.94 -1.80
C ASN A 165 14.15 12.01 -1.51
N TYR A 166 13.38 11.29 -2.29
CA TYR A 166 12.09 10.78 -1.80
C TYR A 166 11.85 9.41 -2.36
N HIS A 167 11.55 8.46 -1.48
CA HIS A 167 11.24 7.09 -1.88
C HIS A 167 9.94 6.58 -1.26
N GLY A 168 9.10 7.49 -0.77
CA GLY A 168 7.88 7.12 -0.06
C GLY A 168 8.04 7.15 1.43
N SER A 169 7.09 6.53 2.12
CA SER A 169 7.11 6.49 3.59
C SER A 169 8.00 5.35 4.08
N VAL A 170 9.27 5.43 3.69
CA VAL A 170 10.31 4.50 4.04
C VAL A 170 11.07 5.21 5.15
N ASP A 171 10.84 4.80 6.40
CA ASP A 171 11.33 5.61 7.53
C ASP A 171 12.84 5.81 7.51
N GLU A 172 13.59 4.78 7.10
CA GLU A 172 15.07 4.84 7.09
C GLU A 172 15.60 5.92 6.12
N SER A 173 14.79 6.31 5.13
CA SER A 173 15.21 7.31 4.16
C SER A 173 14.93 8.75 4.59
N GLN A 174 14.22 8.95 5.70
CA GLN A 174 13.72 10.26 6.09
C GLN A 174 14.75 11.02 6.90
N VAL A 175 15.84 11.37 6.23
CA VAL A 175 16.97 12.07 6.82
C VAL A 175 17.39 13.18 5.88
N GLU A 176 18.13 14.12 6.43
CA GLU A 176 18.76 15.20 5.66
C GLU A 176 20.05 15.60 6.33
N PHE A 177 20.87 16.41 5.66
CA PHE A 177 22.01 17.04 6.31
C PHE A 177 21.63 18.35 6.95
N ASP A 178 22.03 18.54 8.20
CA ASP A 178 21.89 19.83 8.86
C ASP A 178 23.02 20.77 8.45
N ALA A 179 23.06 21.97 9.04
CA ALA A 179 24.06 22.97 8.65
C ALA A 179 25.50 22.57 8.95
N ALA A 180 25.68 21.66 9.91
CA ALA A 180 27.00 21.15 10.25
C ALA A 180 27.37 19.88 9.46
N GLY A 181 26.53 19.46 8.52
CA GLY A 181 26.76 18.25 7.76
C GLY A 181 26.43 16.96 8.50
N ARG A 182 25.68 17.06 9.60
CA ARG A 182 25.23 15.89 10.35
C ARG A 182 23.96 15.35 9.74
N MET A 183 23.85 14.02 9.69
CA MET A 183 22.64 13.34 9.28
C MET A 183 21.63 13.42 10.42
N VAL A 184 20.49 14.03 10.14
CA VAL A 184 19.43 14.27 11.12
C VAL A 184 18.09 13.91 10.48
N PRO A 185 17.03 13.71 11.31
CA PRO A 185 15.72 13.50 10.69
C PRO A 185 15.30 14.63 9.75
N ARG A 186 14.66 14.24 8.66
CA ARG A 186 14.19 15.18 7.65
C ARG A 186 13.23 16.18 8.29
N ALA A 187 13.30 17.44 7.86
CA ALA A 187 12.48 18.49 8.46
C ALA A 187 11.01 18.13 8.35
N GLY A 188 10.30 18.21 9.48
CA GLY A 188 8.87 17.87 9.50
C GLY A 188 8.55 16.39 9.51
N VAL A 189 9.56 15.52 9.59
CA VAL A 189 9.33 14.09 9.59
C VAL A 189 9.90 13.54 10.89
N HIS A 190 9.01 13.24 11.82
CA HIS A 190 9.39 12.70 13.11
C HIS A 190 10.21 11.42 12.94
N PRO A 191 11.25 11.22 13.78
CA PRO A 191 12.07 9.99 13.57
C PRO A 191 11.31 8.67 13.80
N ASN A 192 10.22 8.74 14.54
CA ASN A 192 9.23 7.68 14.58
C ASN A 192 9.82 6.43 15.24
N GLY A 193 10.61 6.67 16.28
CA GLY A 193 11.29 5.60 17.01
C GLY A 193 12.49 4.99 16.29
N VAL A 194 12.85 5.49 15.09
CA VAL A 194 14.03 5.03 14.37
C VAL A 194 15.22 5.82 14.89
N ARG A 195 16.35 5.14 15.06
CA ARG A 195 17.62 5.77 15.40
C ARG A 195 18.41 5.68 14.09
N HIS A 196 18.39 6.76 13.30
CA HIS A 196 18.87 6.64 11.92
C HIS A 196 20.36 6.38 11.81
N ALA A 197 21.12 6.77 12.83
CA ALA A 197 22.54 6.41 12.88
C ALA A 197 22.75 4.89 12.73
N THR A 198 21.79 4.08 13.19
CA THR A 198 21.89 2.62 13.11
C THR A 198 21.39 2.02 11.82
N THR A 199 20.61 2.78 11.04
CA THR A 199 19.97 2.27 9.84
C THR A 199 20.45 2.84 8.53
N THR A 200 21.08 4.00 8.56
CA THR A 200 21.21 4.81 7.35
C THR A 200 22.59 5.48 7.28
N ARG A 201 23.15 5.52 6.07
CA ARG A 201 24.30 6.38 5.76
C ARG A 201 23.82 7.34 4.67
N LEU A 202 24.02 8.63 4.89
CA LEU A 202 23.56 9.67 3.96
C LEU A 202 24.75 10.23 3.20
N VAL A 203 24.57 10.44 1.89
CA VAL A 203 25.60 11.01 1.03
C VAL A 203 24.91 12.00 0.11
N GLU A 204 25.63 12.99 -0.41
CA GLU A 204 25.08 13.81 -1.50
C GLU A 204 25.18 13.02 -2.80
N PHE A 205 24.21 13.24 -3.69
CA PHE A 205 24.30 12.75 -5.08
C PHE A 205 25.54 13.32 -5.76
N ASN A 206 26.05 12.61 -6.76
CA ASN A 206 27.18 13.06 -7.56
C ASN A 206 28.46 13.28 -6.76
N ASP A 207 28.67 12.39 -5.78
CA ASP A 207 29.84 12.47 -4.91
C ASP A 207 30.40 11.08 -4.66
N LEU A 208 31.24 10.63 -5.60
CA LEU A 208 31.73 9.25 -5.57
C LEU A 208 32.72 9.03 -4.42
N ASP A 209 33.49 10.05 -4.05
CA ASP A 209 34.42 9.95 -2.92
C ASP A 209 33.65 9.73 -1.60
N ALA A 210 32.57 10.48 -1.41
CA ALA A 210 31.72 10.32 -0.22
C ALA A 210 31.00 8.98 -0.23
N LEU A 211 30.56 8.53 -1.40
CA LEU A 211 29.94 7.22 -1.49
C LEU A 211 30.93 6.10 -1.16
N GLU A 212 32.14 6.18 -1.70
CA GLU A 212 33.19 5.20 -1.34
C GLU A 212 33.41 5.16 0.19
N ALA A 213 33.51 6.33 0.81
CA ALA A 213 33.73 6.40 2.26
C ALA A 213 32.59 5.75 3.04
N ALA A 214 31.35 5.95 2.59
CA ALA A 214 30.19 5.31 3.22
C ALA A 214 30.26 3.79 3.10
N LEU A 215 30.50 3.30 1.87
CA LEU A 215 30.48 1.86 1.61
C LEU A 215 31.64 1.13 2.27
N ALA A 216 32.76 1.84 2.44
CA ALA A 216 33.97 1.26 3.04
C ALA A 216 33.80 0.75 4.47
N HIS A 217 32.77 1.24 5.18
CA HIS A 217 32.46 0.74 6.50
C HIS A 217 32.04 -0.73 6.51
N GLY A 218 31.58 -1.23 5.37
CA GLY A 218 31.26 -2.65 5.21
C GLY A 218 29.95 -3.08 5.84
N ASP A 219 29.10 -2.11 6.19
CA ASP A 219 27.83 -2.37 6.85
C ASP A 219 26.62 -1.93 6.00
N VAL A 220 26.86 -1.68 4.70
CA VAL A 220 25.79 -1.22 3.80
C VAL A 220 25.22 -2.39 3.00
N ALA A 221 23.93 -2.62 3.19
CA ALA A 221 23.21 -3.65 2.45
C ALA A 221 22.85 -3.21 1.02
N ALA A 222 22.54 -1.92 0.84
CA ALA A 222 22.07 -1.44 -0.44
C ALA A 222 22.22 0.07 -0.55
N VAL A 223 22.33 0.53 -1.79
CA VAL A 223 22.17 1.93 -2.14
C VAL A 223 20.82 2.04 -2.83
N LEU A 224 19.97 2.95 -2.33
CA LEU A 224 18.65 3.18 -2.90
C LEU A 224 18.65 4.57 -3.52
N THR A 225 18.27 4.69 -4.78
CA THR A 225 18.30 5.99 -5.45
C THR A 225 17.43 6.04 -6.69
N GLU A 226 16.89 7.24 -6.98
CA GLU A 226 16.43 7.50 -8.34
C GLU A 226 17.68 7.64 -9.22
N PRO A 227 17.59 7.27 -10.51
CA PRO A 227 18.75 7.48 -11.40
C PRO A 227 18.98 8.94 -11.80
N PHE A 228 17.96 9.77 -11.55
CA PHE A 228 17.95 11.17 -11.86
C PHE A 228 17.00 11.70 -10.79
N MET A 229 17.45 12.58 -9.89
CA MET A 229 16.59 12.94 -8.76
C MET A 229 15.46 13.85 -9.24
N THR A 230 14.25 13.61 -8.77
CA THR A 230 13.07 14.35 -9.20
C THR A 230 12.24 14.93 -8.06
N ASN A 231 12.65 14.74 -6.80
CA ASN A 231 11.83 15.16 -5.68
C ASN A 231 12.41 16.32 -4.87
N VAL A 232 13.31 17.08 -5.50
CA VAL A 232 13.82 18.32 -4.92
C VAL A 232 14.13 19.27 -6.09
N GLY A 233 13.16 19.42 -6.97
CA GLY A 233 13.47 19.79 -8.34
C GLY A 233 14.23 18.63 -8.96
N MET A 234 14.84 18.87 -10.11
CA MET A 234 15.55 17.82 -10.83
C MET A 234 17.05 17.96 -10.64
N VAL A 235 17.70 16.85 -10.28
CA VAL A 235 19.16 16.79 -10.16
C VAL A 235 19.68 15.72 -11.11
N PRO A 236 20.26 16.15 -12.24
CA PRO A 236 20.80 15.15 -13.15
C PRO A 236 22.04 14.47 -12.61
N PRO A 237 22.28 13.21 -12.99
CA PRO A 237 23.54 12.58 -12.65
C PRO A 237 24.64 13.24 -13.44
N ALA A 238 25.79 13.42 -12.81
CA ALA A 238 26.95 14.01 -13.48
C ALA A 238 27.56 13.02 -14.45
N GLU A 239 28.34 13.55 -15.39
CA GLU A 239 29.12 12.69 -16.29
C GLU A 239 29.94 11.70 -15.46
N GLY A 240 29.81 10.42 -15.78
CA GLY A 240 30.53 9.35 -15.10
C GLY A 240 29.95 8.88 -13.77
N PHE A 241 28.90 9.53 -13.27
CA PHE A 241 28.38 9.17 -11.95
C PHE A 241 27.82 7.76 -11.93
N HIS A 242 26.96 7.42 -12.88
CA HIS A 242 26.36 6.09 -12.89
C HIS A 242 27.38 4.96 -13.05
N ALA A 243 28.38 5.19 -13.89
CA ALA A 243 29.46 4.22 -14.04
C ALA A 243 30.18 4.01 -12.71
N GLY A 244 30.47 5.10 -12.02
CA GLY A 244 31.14 5.05 -10.71
C GLY A 244 30.30 4.39 -9.64
N LEU A 245 29.02 4.76 -9.60
CA LEU A 245 28.06 4.17 -8.67
C LEU A 245 27.98 2.66 -8.85
N ARG A 246 27.89 2.23 -10.11
CA ARG A 246 27.80 0.80 -10.41
C ARG A 246 29.08 0.08 -10.05
N GLU A 247 30.23 0.68 -10.35
CA GLU A 247 31.55 0.07 -10.03
C GLU A 247 31.76 -0.06 -8.51
N LEU A 248 31.47 1.01 -7.76
CA LEU A 248 31.67 1.01 -6.31
C LEU A 248 30.77 0.00 -5.61
N THR A 249 29.52 -0.08 -6.04
CA THR A 249 28.60 -1.02 -5.42
C THR A 249 29.01 -2.47 -5.72
N ARG A 250 29.46 -2.75 -6.95
CA ARG A 250 29.98 -4.08 -7.26
C ARG A 250 31.20 -4.45 -6.42
N ARG A 251 32.14 -3.52 -6.31
CA ARG A 251 33.37 -3.76 -5.55
C ARG A 251 33.10 -4.06 -4.06
N HIS A 252 32.13 -3.37 -3.49
CA HIS A 252 31.76 -3.55 -2.09
C HIS A 252 30.65 -4.60 -1.86
N ASP A 253 30.23 -5.28 -2.94
CA ASP A 253 29.14 -6.25 -2.90
C ASP A 253 27.89 -5.65 -2.24
N VAL A 254 27.52 -4.46 -2.73
CA VAL A 254 26.37 -3.72 -2.26
C VAL A 254 25.32 -3.70 -3.36
N ALA A 255 24.06 -3.99 -2.99
CA ALA A 255 22.94 -3.96 -3.94
C ALA A 255 22.68 -2.54 -4.42
N LEU A 256 22.50 -2.37 -5.72
CA LEU A 256 22.10 -1.10 -6.29
C LEU A 256 20.61 -1.16 -6.67
N ILE A 257 19.79 -0.37 -5.97
CA ILE A 257 18.35 -0.33 -6.18
C ILE A 257 18.02 0.98 -6.90
N ILE A 258 17.48 0.85 -8.11
CA ILE A 258 17.12 2.01 -8.93
C ILE A 258 15.59 2.18 -8.88
N ASP A 259 15.15 3.32 -8.36
CA ASP A 259 13.73 3.64 -8.18
C ASP A 259 13.28 4.56 -9.32
N GLU A 260 12.47 4.01 -10.23
CA GLU A 260 12.02 4.68 -11.44
C GLU A 260 10.57 5.15 -11.39
N THR A 261 10.04 5.28 -10.18
CA THR A 261 8.67 5.72 -9.97
C THR A 261 8.35 7.01 -10.74
N HIS A 262 9.29 7.95 -10.77
CA HIS A 262 9.18 9.13 -11.63
C HIS A 262 9.96 9.07 -12.93
N THR A 263 11.15 8.50 -12.90
CA THR A 263 12.04 8.52 -14.05
C THR A 263 11.58 7.60 -15.19
N ILE A 264 10.52 6.83 -14.98
CA ILE A 264 9.78 6.16 -16.06
C ILE A 264 9.31 7.13 -17.15
N SER A 265 9.26 8.43 -16.84
CA SER A 265 9.02 9.43 -17.88
C SER A 265 10.07 9.47 -18.99
N CYS A 266 11.26 8.94 -18.73
N CYS A 266 11.26 8.94 -18.73
CA CYS A 266 12.36 8.95 -19.71
CA CYS A 266 12.37 8.95 -19.69
C CYS A 266 12.15 8.10 -20.94
C CYS A 266 12.15 8.10 -20.92
N GLY A 267 11.34 7.06 -20.81
CA GLY A 267 11.07 6.18 -21.92
C GLY A 267 10.38 4.92 -21.51
N PRO A 268 10.04 4.08 -22.49
CA PRO A 268 9.24 2.88 -22.17
C PRO A 268 9.97 1.83 -21.34
N ALA A 269 11.30 1.90 -21.25
CA ALA A 269 12.11 1.04 -20.38
C ALA A 269 12.79 1.87 -19.29
N GLY A 270 12.25 3.05 -19.03
CA GLY A 270 12.79 3.94 -18.01
C GLY A 270 14.12 4.56 -18.36
N TYR A 271 14.64 5.33 -17.41
CA TYR A 271 15.99 5.88 -17.52
C TYR A 271 17.00 4.75 -17.69
N SER A 272 16.85 3.68 -16.91
CA SER A 272 17.78 2.55 -16.97
C SER A 272 17.88 1.97 -18.36
N GLY A 273 16.75 1.82 -19.04
CA GLY A 273 16.75 1.29 -20.40
C GLY A 273 17.32 2.23 -21.44
N ALA A 274 17.07 3.52 -21.26
CA ALA A 274 17.59 4.53 -22.18
C ALA A 274 19.10 4.68 -22.09
N HIS A 275 19.62 4.60 -20.87
CA HIS A 275 21.02 4.90 -20.58
C HIS A 275 21.90 3.69 -20.22
N GLY A 276 21.37 2.48 -20.39
CA GLY A 276 22.14 1.27 -20.17
C GLY A 276 22.63 1.05 -18.75
N LEU A 277 21.81 1.41 -17.79
CA LEU A 277 22.13 1.12 -16.39
C LEU A 277 21.97 -0.37 -16.16
N GLU A 278 22.58 -0.84 -15.08
CA GLU A 278 22.62 -2.24 -14.72
C GLU A 278 22.18 -2.42 -13.26
N PRO A 279 20.91 -2.11 -12.97
CA PRO A 279 20.44 -2.23 -11.58
C PRO A 279 20.48 -3.66 -11.06
N ASP A 280 20.70 -3.82 -9.77
CA ASP A 280 20.47 -5.12 -9.10
C ASP A 280 18.99 -5.30 -8.79
N PHE A 281 18.33 -4.21 -8.40
CA PHE A 281 16.90 -4.17 -8.17
C PHE A 281 16.34 -2.95 -8.88
N PHE A 282 15.10 -3.06 -9.34
CA PHE A 282 14.42 -2.03 -10.10
C PHE A 282 13.03 -1.87 -9.51
N VAL A 283 12.64 -0.64 -9.17
CA VAL A 283 11.35 -0.36 -8.52
C VAL A 283 10.53 0.57 -9.41
N LEU A 284 9.26 0.25 -9.63
CA LEU A 284 8.37 1.10 -10.40
C LEU A 284 7.00 1.15 -9.77
N GLY A 285 6.47 2.35 -9.51
CA GLY A 285 5.18 2.56 -8.87
C GLY A 285 3.91 2.52 -9.71
N ALA A 286 2.88 3.23 -9.24
CA ALA A 286 1.51 2.92 -9.65
C ALA A 286 1.05 3.46 -11.00
N CYS A 287 1.86 4.26 -11.69
CA CYS A 287 1.49 4.64 -13.05
C CYS A 287 1.09 3.47 -13.96
N ILE A 288 1.53 2.26 -13.61
CA ILE A 288 1.32 1.09 -14.45
C ILE A 288 -0.03 0.39 -14.29
N ALA A 289 -0.87 0.79 -13.35
CA ALA A 289 -2.12 0.06 -13.08
C ALA A 289 -3.38 0.93 -13.00
N GLY A 290 -3.38 2.04 -13.74
CA GLY A 290 -4.58 2.80 -14.00
C GLY A 290 -5.34 3.39 -12.82
N GLY A 291 -4.59 3.71 -11.76
CA GLY A 291 -5.21 4.21 -10.52
C GLY A 291 -5.46 3.17 -9.45
N ILE A 292 -5.18 1.91 -9.75
CA ILE A 292 -5.21 0.89 -8.72
C ILE A 292 -3.83 0.97 -8.03
N PRO A 293 -3.81 1.19 -6.70
CA PRO A 293 -2.53 1.24 -5.99
C PRO A 293 -1.70 -0.01 -6.28
N SER A 294 -0.50 0.20 -6.79
N SER A 294 -0.50 0.20 -6.79
CA SER A 294 0.33 -0.91 -7.27
CA SER A 294 0.34 -0.90 -7.26
C SER A 294 1.78 -0.47 -7.40
C SER A 294 1.78 -0.47 -7.40
N ALA A 295 2.66 -1.45 -7.42
CA ALA A 295 4.04 -1.24 -7.84
C ALA A 295 4.60 -2.59 -8.18
N VAL A 296 5.68 -2.58 -8.94
CA VAL A 296 6.47 -3.78 -9.18
C VAL A 296 7.90 -3.56 -8.77
N TRP A 297 8.57 -4.64 -8.41
CA TRP A 297 9.99 -4.60 -8.27
C TRP A 297 10.58 -5.84 -8.89
N GLY A 298 11.76 -5.65 -9.47
CA GLY A 298 12.47 -6.74 -10.12
C GLY A 298 13.90 -6.86 -9.65
N CYS A 299 14.50 -8.01 -9.88
CA CYS A 299 15.89 -8.21 -9.48
C CYS A 299 16.63 -9.10 -10.45
N SER A 300 17.95 -8.98 -10.43
CA SER A 300 18.79 -9.80 -11.26
C SER A 300 18.76 -11.26 -10.81
N GLN A 301 19.22 -12.13 -11.70
CA GLN A 301 19.35 -13.54 -11.31
C GLN A 301 20.31 -13.70 -10.14
N ALA A 302 21.42 -12.99 -10.14
CA ALA A 302 22.37 -13.09 -9.02
C ALA A 302 21.73 -12.74 -7.68
N GLN A 303 20.91 -11.69 -7.65
CA GLN A 303 20.23 -11.32 -6.41
C GLN A 303 19.19 -12.38 -6.04
N ALA A 304 18.45 -12.86 -7.04
CA ALA A 304 17.43 -13.90 -6.82
C ALA A 304 18.05 -15.12 -6.13
N GLU A 305 19.18 -15.58 -6.62
CA GLU A 305 19.83 -16.73 -6.02
C GLU A 305 20.22 -16.50 -4.58
N ARG A 306 20.66 -15.29 -4.25
CA ARG A 306 21.01 -14.98 -2.87
C ARG A 306 19.76 -14.90 -1.97
N ILE A 307 18.69 -14.36 -2.52
CA ILE A 307 17.41 -14.29 -1.80
C ILE A 307 16.85 -15.70 -1.54
N TRP A 308 16.85 -16.55 -2.55
CA TRP A 308 16.30 -17.90 -2.38
C TRP A 308 17.09 -18.69 -1.33
N ALA A 309 18.39 -18.41 -1.19
CA ALA A 309 19.19 -19.11 -0.18
C ALA A 309 18.83 -18.68 1.24
N VAL A 310 18.32 -17.47 1.43
CA VAL A 310 17.86 -17.03 2.77
C VAL A 310 16.34 -17.13 2.95
N LEU A 311 15.60 -17.26 1.85
CA LEU A 311 14.15 -17.42 1.88
C LEU A 311 13.79 -18.44 0.81
N PRO A 312 13.86 -19.74 1.16
CA PRO A 312 13.64 -20.79 0.18
C PRO A 312 12.22 -20.85 -0.35
N HIS A 313 12.11 -21.41 -1.54
CA HIS A 313 10.80 -21.73 -2.10
C HIS A 313 10.05 -22.60 -1.10
N PHE A 314 8.76 -22.34 -0.97
CA PHE A 314 7.94 -22.97 0.06
C PHE A 314 7.79 -24.45 -0.18
N ARG A 315 7.89 -25.24 0.90
CA ARG A 315 7.84 -26.69 0.82
C ARG A 315 6.48 -27.22 1.30
N PRO A 316 6.05 -28.39 0.78
CA PRO A 316 4.74 -28.93 1.15
C PRO A 316 4.64 -29.15 2.65
N GLY A 317 3.59 -28.61 3.27
CA GLY A 317 3.38 -28.77 4.71
C GLY A 317 4.21 -27.88 5.61
N GLN A 318 5.00 -26.98 5.04
CA GLN A 318 5.79 -26.03 5.80
C GLN A 318 4.86 -25.07 6.58
N ALA A 319 5.31 -24.62 7.75
CA ALA A 319 4.57 -23.62 8.49
C ALA A 319 4.39 -22.35 7.64
N ILE A 320 3.15 -21.92 7.50
CA ILE A 320 2.81 -20.66 6.84
C ILE A 320 3.56 -19.47 7.47
N ASN A 321 3.99 -18.53 6.63
CA ASN A 321 4.64 -17.31 7.12
C ASN A 321 4.64 -16.24 6.03
N HIS A 322 4.38 -15.00 6.44
CA HIS A 322 4.52 -13.84 5.58
C HIS A 322 5.98 -13.41 5.43
N PHE A 323 6.82 -13.75 6.42
CA PHE A 323 8.24 -13.39 6.42
C PHE A 323 8.49 -11.88 6.50
N GLY A 324 7.48 -11.13 6.96
CA GLY A 324 7.63 -9.69 7.18
C GLY A 324 7.32 -8.79 5.99
N PHE A 325 6.87 -9.36 4.87
CA PHE A 325 6.58 -8.56 3.68
C PHE A 325 5.47 -9.22 2.87
N GLY A 326 5.14 -8.60 1.74
CA GLY A 326 3.96 -8.95 0.98
C GLY A 326 2.83 -8.16 1.55
N GLY A 327 1.63 -8.44 1.07
CA GLY A 327 0.43 -7.78 1.54
C GLY A 327 -0.79 -8.44 0.98
N THR A 328 -1.91 -8.31 1.67
CA THR A 328 -3.09 -9.15 1.35
C THR A 328 -3.64 -8.94 -0.06
N LEU A 329 -3.60 -7.69 -0.55
CA LEU A 329 -4.11 -7.37 -1.87
C LEU A 329 -2.99 -7.17 -2.89
N ALA A 330 -1.74 -7.44 -2.49
CA ALA A 330 -0.61 -7.32 -3.41
C ALA A 330 -0.67 -8.40 -4.49
N GLY A 331 -0.44 -8.01 -5.73
CA GLY A 331 -0.42 -8.97 -6.83
C GLY A 331 -1.77 -9.53 -7.19
N ASN A 332 -2.81 -8.72 -6.98
CA ASN A 332 -4.16 -9.20 -7.24
C ASN A 332 -4.58 -9.11 -8.71
N ALA A 333 -5.64 -9.83 -9.02
CA ALA A 333 -6.10 -9.96 -10.40
C ALA A 333 -6.37 -8.62 -11.04
N LEU A 334 -6.95 -7.70 -10.27
CA LEU A 334 -7.28 -6.38 -10.80
C LEU A 334 -6.04 -5.59 -11.18
N GLN A 335 -5.03 -5.60 -10.32
CA GLN A 335 -3.76 -4.94 -10.62
C GLN A 335 -3.16 -5.52 -11.90
N LEU A 336 -3.11 -6.84 -11.99
CA LEU A 336 -2.44 -7.49 -13.12
C LEU A 336 -3.18 -7.22 -14.44
N ALA A 337 -4.52 -7.16 -14.40
CA ALA A 337 -5.29 -6.81 -15.57
C ALA A 337 -4.97 -5.40 -16.06
N ALA A 338 -4.90 -4.45 -15.12
CA ALA A 338 -4.58 -3.08 -15.46
C ALA A 338 -3.15 -2.93 -15.98
N MET A 339 -2.21 -3.62 -15.36
CA MET A 339 -0.81 -3.65 -15.86
C MET A 339 -0.70 -4.19 -17.27
N ARG A 340 -1.39 -5.28 -17.55
CA ARG A 340 -1.35 -5.85 -18.89
C ARG A 340 -1.82 -4.82 -19.93
N ALA A 341 -2.95 -4.20 -19.65
CA ALA A 341 -3.48 -3.16 -20.56
C ALA A 341 -2.52 -2.01 -20.73
N THR A 342 -1.91 -1.57 -19.62
CA THR A 342 -0.99 -0.44 -19.68
C THR A 342 0.24 -0.76 -20.50
N PHE A 343 0.87 -1.89 -20.21
CA PHE A 343 2.08 -2.25 -20.96
C PHE A 343 1.78 -2.55 -22.44
N ALA A 344 0.68 -3.20 -22.73
CA ALA A 344 0.36 -3.56 -24.13
C ALA A 344 -0.10 -2.38 -24.97
N GLU A 345 -0.94 -1.53 -24.38
CA GLU A 345 -1.71 -0.55 -25.16
C GLU A 345 -1.34 0.90 -24.90
N VAL A 346 -0.69 1.19 -23.77
CA VAL A 346 -0.45 2.57 -23.37
C VAL A 346 1.03 2.98 -23.42
N MET A 347 1.92 2.21 -22.80
CA MET A 347 3.35 2.59 -22.68
C MET A 347 4.14 2.12 -23.88
N THR A 348 3.78 2.66 -25.05
CA THR A 348 4.35 2.25 -26.31
C THR A 348 5.36 3.28 -26.78
N GLU A 349 6.15 2.88 -27.76
CA GLU A 349 7.11 3.79 -28.38
C GLU A 349 6.37 5.00 -28.98
N ASP A 350 5.23 4.79 -29.62
CA ASP A 350 4.46 5.90 -30.21
C ASP A 350 3.94 6.89 -29.16
N ALA A 351 3.47 6.37 -28.03
CA ALA A 351 2.97 7.22 -26.96
C ALA A 351 4.08 8.12 -26.45
N TYR A 352 5.23 7.51 -26.17
CA TYR A 352 6.36 8.27 -25.67
C TYR A 352 6.88 9.27 -26.69
N ARG A 353 6.84 8.94 -27.98
CA ARG A 353 7.22 9.90 -29.01
C ARG A 353 6.37 11.18 -28.94
N HIS A 354 5.05 11.00 -28.85
CA HIS A 354 4.15 12.13 -28.67
C HIS A 354 4.45 12.92 -27.39
N MET A 355 4.62 12.21 -26.28
CA MET A 355 4.89 12.85 -25.00
C MET A 355 6.18 13.66 -25.04
N PHE A 356 7.21 13.13 -25.70
CA PHE A 356 8.50 13.85 -25.81
C PHE A 356 8.37 15.12 -26.64
N GLN A 357 7.64 15.03 -27.74
CA GLN A 357 7.47 16.19 -28.61
C GLN A 357 6.83 17.34 -27.81
N LEU A 358 5.74 17.03 -27.11
CA LEU A 358 5.01 18.04 -26.38
C LEU A 358 5.79 18.56 -25.17
N ALA A 359 6.47 17.64 -24.47
CA ALA A 359 7.32 18.05 -23.36
C ALA A 359 8.50 18.92 -23.80
N ALA A 360 9.10 18.60 -24.93
CA ALA A 360 10.18 19.42 -25.49
C ALA A 360 9.68 20.82 -25.83
N GLN A 361 8.48 20.90 -26.41
CA GLN A 361 7.84 22.19 -26.68
C GLN A 361 7.62 22.98 -25.38
N LEU A 362 7.12 22.28 -24.35
CA LEU A 362 6.86 22.92 -23.06
C LEU A 362 8.18 23.46 -22.44
N GLU A 363 9.20 22.60 -22.40
CA GLU A 363 10.54 22.96 -21.94
C GLU A 363 11.09 24.16 -22.68
N ALA A 364 11.04 24.13 -24.01
CA ALA A 364 11.58 25.23 -24.81
C ALA A 364 10.84 26.54 -24.51
N GLY A 365 9.53 26.46 -24.28
CA GLY A 365 8.75 27.65 -23.96
C GLY A 365 9.12 28.24 -22.60
N VAL A 366 9.26 27.37 -21.61
CA VAL A 366 9.66 27.82 -20.27
C VAL A 366 11.05 28.44 -20.35
N ARG A 367 11.97 27.77 -21.03
CA ARG A 367 13.32 28.28 -21.14
C ARG A 367 13.36 29.65 -21.80
N ALA A 368 12.58 29.83 -22.87
CA ALA A 368 12.50 31.14 -23.53
C ALA A 368 12.03 32.25 -22.59
N THR A 369 11.03 31.95 -21.76
CA THR A 369 10.47 32.91 -20.80
C THR A 369 11.50 33.29 -19.73
N LEU A 370 12.18 32.29 -19.18
CA LEU A 370 13.21 32.55 -18.16
C LEU A 370 14.35 33.39 -18.74
N GLU A 371 14.74 33.08 -19.97
CA GLU A 371 15.84 33.81 -20.62
C GLU A 371 15.41 35.24 -20.96
N GLU A 372 14.21 35.42 -21.51
CA GLU A 372 13.68 36.75 -21.83
C GLU A 372 13.56 37.65 -20.60
N LEU A 373 13.02 37.11 -19.51
CA LEU A 373 12.83 37.86 -18.26
C LEU A 373 14.09 37.98 -17.40
N ARG A 374 15.18 37.32 -17.81
CA ARG A 374 16.48 37.37 -17.14
C ARG A 374 16.39 36.85 -15.72
N LEU A 375 15.60 35.79 -15.52
CA LEU A 375 15.42 35.23 -14.20
C LEU A 375 16.58 34.29 -13.92
N PRO A 376 17.07 34.27 -12.67
CA PRO A 376 18.16 33.37 -12.31
C PRO A 376 17.61 31.96 -12.01
N TRP A 377 16.89 31.41 -12.98
CA TRP A 377 16.17 30.14 -12.87
C TRP A 377 16.60 29.29 -14.05
N HIS A 378 16.35 27.99 -14.00
CA HIS A 378 16.59 27.13 -15.16
C HIS A 378 15.54 26.05 -15.24
N VAL A 379 15.48 25.41 -16.41
CA VAL A 379 14.53 24.34 -16.63
C VAL A 379 15.24 23.09 -17.15
N THR A 380 14.74 21.93 -16.71
CA THR A 380 15.28 20.63 -17.05
C THR A 380 14.13 19.73 -17.52
N ARG A 381 14.43 18.83 -18.45
CA ARG A 381 13.48 17.83 -18.91
C ARG A 381 14.09 16.45 -18.85
N ILE A 382 13.31 15.48 -18.38
CA ILE A 382 13.59 14.06 -18.57
C ILE A 382 12.39 13.44 -19.24
N GLY A 383 12.51 13.27 -20.56
CA GLY A 383 11.43 12.65 -21.31
C GLY A 383 10.17 13.49 -21.26
N ALA A 384 9.11 12.95 -20.70
CA ALA A 384 7.81 13.63 -20.61
C ALA A 384 7.67 14.61 -19.45
N ARG A 385 8.66 14.66 -18.56
CA ARG A 385 8.59 15.42 -17.31
C ARG A 385 9.50 16.63 -17.39
N VAL A 386 8.94 17.82 -17.17
CA VAL A 386 9.66 19.08 -17.24
C VAL A 386 9.57 19.81 -15.90
N GLU A 387 10.69 20.30 -15.38
CA GLU A 387 10.67 21.02 -14.12
C GLU A 387 11.68 22.13 -14.11
N TYR A 388 11.27 23.26 -13.53
CA TYR A 388 12.19 24.38 -13.31
C TYR A 388 12.55 24.54 -11.83
N LEU A 389 13.67 25.22 -11.60
CA LEU A 389 14.23 25.48 -10.26
C LEU A 389 14.70 26.92 -10.20
N PHE A 390 14.63 27.53 -9.03
CA PHE A 390 14.93 28.95 -8.83
C PHE A 390 16.42 29.18 -8.54
N MET A 391 17.27 28.64 -9.42
CA MET A 391 18.71 28.86 -9.39
C MET A 391 19.24 28.85 -10.83
N THR A 392 20.38 29.51 -11.03
CA THR A 392 20.87 29.77 -12.38
C THR A 392 21.28 28.50 -13.12
N HIS A 393 21.96 27.61 -12.43
CA HIS A 393 22.53 26.41 -13.06
C HIS A 393 21.93 25.17 -12.45
N ALA A 394 22.04 24.07 -13.19
CA ALA A 394 21.58 22.79 -12.69
C ALA A 394 22.28 22.50 -11.36
N PRO A 395 21.53 21.98 -10.37
CA PRO A 395 22.13 21.65 -9.09
C PRO A 395 23.03 20.43 -9.23
N ARG A 396 24.15 20.44 -8.51
CA ARG A 396 25.06 19.30 -8.50
C ARG A 396 24.56 18.19 -7.57
N ASN A 397 23.73 18.54 -6.61
CA ASN A 397 23.19 17.57 -5.66
C ASN A 397 21.89 18.08 -5.06
N GLY A 398 21.24 17.24 -4.27
CA GLY A 398 19.98 17.61 -3.68
C GLY A 398 20.07 18.74 -2.68
N GLY A 399 21.15 18.77 -1.90
CA GLY A 399 21.42 19.84 -0.95
C GLY A 399 21.35 21.21 -1.63
N GLU A 400 22.01 21.33 -2.78
CA GLU A 400 22.00 22.59 -3.54
C GLU A 400 20.60 22.94 -4.02
N ALA A 401 19.92 21.94 -4.56
CA ALA A 401 18.59 22.11 -5.12
C ALA A 401 17.58 22.58 -4.07
N HIS A 402 17.69 22.04 -2.86
CA HIS A 402 16.76 22.37 -1.77
C HIS A 402 16.70 23.87 -1.48
N HIS A 403 17.85 24.53 -1.59
CA HIS A 403 17.94 25.97 -1.37
C HIS A 403 17.23 26.82 -2.44
N ALA A 404 16.95 26.22 -3.60
CA ALA A 404 16.27 26.89 -4.71
C ALA A 404 14.75 26.64 -4.78
N ARG A 405 14.17 26.17 -3.67
CA ARG A 405 12.74 25.94 -3.58
C ARG A 405 12.16 27.05 -2.69
N ASN A 406 10.94 27.46 -2.99
CA ASN A 406 10.27 28.50 -2.22
C ASN A 406 8.77 28.30 -2.27
N GLY A 407 8.16 28.04 -1.11
CA GLY A 407 6.75 27.69 -1.05
C GLY A 407 5.82 28.80 -1.54
N LEU A 408 6.17 30.05 -1.25
CA LEU A 408 5.33 31.19 -1.61
C LEU A 408 5.32 31.42 -3.12
N ILE A 409 6.50 31.44 -3.72
CA ILE A 409 6.60 31.63 -5.18
C ILE A 409 5.89 30.49 -5.88
N GLU A 410 6.13 29.27 -5.42
CA GLU A 410 5.52 28.09 -6.01
C GLU A 410 3.99 28.16 -5.92
N ALA A 411 3.47 28.45 -4.74
CA ALA A 411 2.02 28.55 -4.53
C ALA A 411 1.39 29.63 -5.42
N CYS A 412 2.05 30.79 -5.51
CA CYS A 412 1.55 31.87 -6.35
C CYS A 412 1.50 31.50 -7.83
N LEU A 413 2.57 30.92 -8.35
CA LEU A 413 2.60 30.49 -9.75
C LEU A 413 1.52 29.43 -10.00
N HIS A 414 1.46 28.43 -9.13
CA HIS A 414 0.48 27.36 -9.26
C HIS A 414 -0.95 27.88 -9.23
N LEU A 415 -1.24 28.80 -8.32
CA LEU A 415 -2.61 29.31 -8.17
C LEU A 415 -3.00 30.18 -9.35
N TYR A 416 -2.07 31.02 -9.81
CA TYR A 416 -2.35 31.87 -10.97
C TYR A 416 -2.76 30.98 -12.16
N LEU A 417 -2.01 29.92 -12.40
CA LEU A 417 -2.36 28.98 -13.49
C LEU A 417 -3.67 28.24 -13.24
N LEU A 418 -3.88 27.79 -12.00
CA LEU A 418 -5.14 27.09 -11.67
C LEU A 418 -6.37 27.95 -11.96
N ASN A 419 -6.33 29.22 -11.54
CA ASN A 419 -7.45 30.14 -11.75
C ASN A 419 -7.71 30.46 -13.22
N ARG A 420 -6.79 30.07 -14.09
CA ARG A 420 -6.91 30.31 -15.53
C ARG A 420 -6.90 29.00 -16.33
N GLY A 421 -7.21 27.89 -15.66
CA GLY A 421 -7.50 26.64 -16.33
C GLY A 421 -6.35 25.68 -16.59
N VAL A 422 -5.26 25.78 -15.81
CA VAL A 422 -4.16 24.83 -15.92
C VAL A 422 -3.80 24.31 -14.53
N LEU A 423 -3.83 22.98 -14.38
CA LEU A 423 -3.47 22.34 -13.13
C LEU A 423 -2.04 21.82 -13.18
N LEU A 424 -1.25 22.26 -12.20
CA LEU A 424 0.09 21.77 -11.97
C LEU A 424 0.10 21.11 -10.59
N THR A 425 0.87 20.06 -10.44
CA THR A 425 0.94 19.41 -9.14
C THR A 425 1.49 20.40 -8.12
N PRO A 426 0.90 20.43 -6.91
CA PRO A 426 1.31 21.50 -6.01
C PRO A 426 2.64 21.22 -5.36
N PHE A 427 3.21 20.02 -5.54
CA PHE A 427 4.40 19.63 -4.79
C PHE A 427 5.70 19.87 -5.53
N HIS A 428 5.62 20.32 -6.79
CA HIS A 428 6.79 20.45 -7.65
C HIS A 428 6.58 21.66 -8.54
N ASN A 429 7.61 22.10 -9.23
CA ASN A 429 7.47 23.09 -10.30
C ASN A 429 7.53 22.36 -11.63
N MET A 430 6.69 21.34 -11.77
CA MET A 430 6.81 20.40 -12.89
C MET A 430 5.54 20.37 -13.71
N ALA A 431 5.69 19.97 -14.96
CA ALA A 431 4.56 19.64 -15.83
C ALA A 431 4.85 18.30 -16.49
N LEU A 432 3.81 17.48 -16.60
CA LEU A 432 3.92 16.16 -17.20
C LEU A 432 3.03 16.12 -18.43
N THR A 433 3.54 15.63 -19.56
CA THR A 433 2.73 15.43 -20.75
C THR A 433 2.31 13.98 -20.85
N CYS A 434 1.15 13.74 -21.44
CA CYS A 434 0.64 12.40 -21.66
C CYS A 434 0.18 12.30 -23.13
N PRO A 435 -0.23 11.10 -23.59
CA PRO A 435 -0.68 10.98 -24.96
C PRO A 435 -1.85 11.87 -25.36
N ALA A 436 -2.70 12.27 -24.40
CA ALA A 436 -3.85 13.14 -24.68
C ALA A 436 -3.52 14.63 -24.64
N THR A 437 -2.34 15.00 -24.17
CA THR A 437 -1.92 16.41 -24.21
C THR A 437 -1.83 16.90 -25.66
N ARG A 438 -2.32 18.13 -25.88
CA ARG A 438 -2.29 18.76 -27.19
C ARG A 438 -1.38 19.96 -27.18
N ALA A 439 -0.90 20.32 -28.37
CA ALA A 439 -0.06 21.50 -28.54
C ALA A 439 -0.70 22.77 -27.96
N GLU A 440 -2.02 22.92 -28.14
CA GLU A 440 -2.72 24.09 -27.59
C GLU A 440 -2.68 24.16 -26.06
N ASP A 441 -2.62 23.00 -25.42
CA ASP A 441 -2.51 22.91 -23.97
C ASP A 441 -1.15 23.43 -23.50
N VAL A 442 -0.11 23.02 -24.22
CA VAL A 442 1.25 23.49 -23.92
C VAL A 442 1.32 25.01 -24.14
N GLU A 443 0.71 25.50 -25.23
CA GLU A 443 0.68 26.93 -25.52
C GLU A 443 -0.02 27.72 -24.41
N LEU A 444 -1.09 27.16 -23.86
CA LEU A 444 -1.80 27.81 -22.75
C LEU A 444 -0.91 27.88 -21.51
N HIS A 445 -0.29 26.78 -21.14
CA HIS A 445 0.66 26.77 -20.03
C HIS A 445 1.73 27.84 -20.24
N ASP A 446 2.27 27.88 -21.44
CA ASP A 446 3.37 28.78 -21.73
C ASP A 446 2.96 30.24 -21.55
N ARG A 447 1.80 30.59 -22.11
CA ARG A 447 1.29 31.95 -22.02
C ARG A 447 0.97 32.37 -20.60
N LEU A 448 0.32 31.50 -19.84
CA LEU A 448 -0.05 31.84 -18.46
C LEU A 448 1.18 32.02 -17.55
N LEU A 449 2.19 31.17 -17.71
CA LEU A 449 3.41 31.32 -16.92
C LEU A 449 4.09 32.63 -17.26
N ARG A 450 4.17 32.97 -18.54
CA ARG A 450 4.77 34.24 -18.95
C ARG A 450 3.95 35.43 -18.41
N ASP A 451 2.63 35.31 -18.43
CA ASP A 451 1.76 36.33 -17.89
C ASP A 451 1.96 36.55 -16.38
N CYS A 452 2.02 35.44 -15.64
CA CYS A 452 2.21 35.50 -14.20
C CYS A 452 3.54 36.15 -13.85
N LEU A 453 4.63 35.66 -14.44
CA LEU A 453 5.97 36.20 -14.16
C LEU A 453 6.06 37.66 -14.58
N GLY A 454 5.41 38.00 -15.71
CA GLY A 454 5.30 39.38 -16.15
C GLY A 454 4.66 40.31 -15.13
N GLU A 455 3.56 39.87 -14.50
CA GLU A 455 2.88 40.67 -13.48
C GLU A 455 3.77 40.87 -12.25
N LEU A 456 4.52 39.85 -11.88
CA LEU A 456 5.44 39.90 -10.74
C LEU A 456 6.65 40.83 -10.96
N LEU A 457 7.14 40.93 -12.19
CA LEU A 457 8.31 41.74 -12.53
C LEU A 457 7.94 43.14 -13.06
N PHE B 5 -2.11 -33.98 18.51
CA PHE B 5 -3.41 -33.34 18.09
C PHE B 5 -4.52 -34.34 17.75
N GLY B 6 -4.45 -35.55 18.32
CA GLY B 6 -5.46 -36.59 18.10
C GLY B 6 -5.36 -37.35 16.79
N LEU B 7 -4.37 -37.02 15.96
CA LEU B 7 -4.15 -37.70 14.70
C LEU B 7 -2.79 -38.38 14.70
N ASP B 8 -2.73 -39.52 14.04
CA ASP B 8 -1.46 -40.18 13.74
C ASP B 8 -0.84 -39.43 12.58
N LEU B 9 0.26 -38.71 12.84
CA LEU B 9 0.91 -37.89 11.80
C LEU B 9 1.43 -38.73 10.63
N ALA B 10 1.68 -40.02 10.87
CA ALA B 10 1.99 -40.98 9.80
C ALA B 10 0.83 -41.24 8.85
N ARG B 11 -0.39 -41.37 9.40
CA ARG B 11 -1.58 -41.48 8.55
C ARG B 11 -1.82 -40.18 7.79
N VAL B 12 -1.55 -39.04 8.44
CA VAL B 12 -1.70 -37.72 7.83
C VAL B 12 -0.77 -37.62 6.63
N GLU B 13 0.49 -38.01 6.81
CA GLU B 13 1.46 -38.01 5.72
C GLU B 13 1.04 -38.90 4.55
N THR B 14 0.54 -40.10 4.84
CA THR B 14 0.08 -41.02 3.79
C THR B 14 -1.05 -40.39 2.94
N LEU B 15 -2.03 -39.81 3.61
CA LEU B 15 -3.15 -39.19 2.91
C LEU B 15 -2.65 -37.98 2.13
N PHE B 16 -1.78 -37.19 2.75
CA PHE B 16 -1.23 -36.00 2.11
C PHE B 16 -0.51 -36.34 0.80
N LYS B 17 0.30 -37.38 0.83
CA LYS B 17 0.98 -37.86 -0.37
C LYS B 17 0.00 -38.26 -1.46
N ARG B 18 -1.07 -38.96 -1.08
CA ARG B 18 -2.10 -39.35 -2.05
C ARG B 18 -2.78 -38.11 -2.65
N GLU B 19 -3.06 -37.12 -1.81
CA GLU B 19 -3.73 -35.90 -2.27
C GLU B 19 -2.82 -35.01 -3.11
N LEU B 20 -1.50 -35.04 -2.85
CA LEU B 20 -0.57 -34.32 -3.73
C LEU B 20 -0.58 -34.91 -5.15
N ARG B 21 -0.61 -36.24 -5.25
CA ARG B 21 -0.72 -36.90 -6.56
C ARG B 21 -2.05 -36.58 -7.22
N ARG B 22 -3.14 -36.64 -6.45
CA ARG B 22 -4.46 -36.24 -6.94
C ARG B 22 -4.48 -34.81 -7.48
N PHE B 23 -3.82 -33.91 -6.76
CA PHE B 23 -3.72 -32.53 -7.19
C PHE B 23 -3.06 -32.44 -8.57
N ASP B 24 -1.96 -33.19 -8.76
CA ASP B 24 -1.22 -33.18 -10.02
C ASP B 24 -2.11 -33.64 -11.18
N GLU B 25 -2.88 -34.71 -10.94
CA GLU B 25 -3.73 -35.26 -11.97
C GLU B 25 -4.91 -34.34 -12.33
N LEU B 26 -5.45 -33.65 -11.33
CA LEU B 26 -6.60 -32.77 -11.54
C LEU B 26 -6.26 -31.41 -12.13
N HIS B 27 -5.04 -30.90 -11.91
CA HIS B 27 -4.73 -29.51 -12.26
C HIS B 27 -3.51 -29.31 -13.16
N PRO B 28 -3.44 -30.05 -14.29
CA PRO B 28 -2.22 -29.97 -15.12
C PRO B 28 -1.97 -28.60 -15.77
N ARG B 29 -3.01 -27.89 -16.18
CA ARG B 29 -2.83 -26.58 -16.77
C ARG B 29 -2.33 -25.54 -15.77
N SER B 30 -2.80 -25.59 -14.52
CA SER B 30 -2.22 -24.73 -13.48
C SER B 30 -0.75 -25.05 -13.25
N ALA B 31 -0.41 -26.33 -13.24
CA ALA B 31 0.99 -26.73 -13.06
C ALA B 31 1.87 -26.23 -14.20
N GLN B 32 1.37 -26.31 -15.43
CA GLN B 32 2.08 -25.78 -16.60
C GLN B 32 2.25 -24.27 -16.45
N ALA B 33 1.19 -23.58 -16.05
CA ALA B 33 1.28 -22.14 -15.83
C ALA B 33 2.33 -21.79 -14.77
N TYR B 34 2.41 -22.60 -13.72
CA TYR B 34 3.40 -22.36 -12.67
C TYR B 34 4.84 -22.49 -13.18
N ARG B 35 5.10 -23.48 -14.02
CA ARG B 35 6.41 -23.65 -14.66
C ARG B 35 6.80 -22.38 -15.41
N GLU B 36 5.85 -21.79 -16.13
CA GLU B 36 6.14 -20.54 -16.85
C GLU B 36 6.29 -19.37 -15.89
N ASN B 37 5.41 -19.27 -14.89
CA ASN B 37 5.46 -18.15 -13.97
C ASN B 37 6.71 -18.15 -13.10
N ARG B 38 7.27 -19.34 -12.82
CA ARG B 38 8.52 -19.38 -12.07
C ARG B 38 9.70 -18.77 -12.84
N ARG B 39 9.59 -18.62 -14.16
CA ARG B 39 10.64 -17.99 -14.96
C ARG B 39 10.75 -16.49 -14.73
N HIS B 40 9.64 -15.85 -14.38
CA HIS B 40 9.57 -14.39 -14.29
C HIS B 40 9.12 -13.81 -12.95
N TRP B 41 8.49 -14.60 -12.08
CA TRP B 41 8.11 -14.13 -10.75
C TRP B 41 9.06 -14.80 -9.77
N LEU B 42 9.61 -14.01 -8.86
CA LEU B 42 10.62 -14.51 -7.91
C LEU B 42 10.14 -15.76 -7.20
N TYR B 43 8.89 -15.77 -6.75
CA TYR B 43 8.30 -16.94 -6.08
C TYR B 43 7.14 -17.58 -6.87
N GLY B 44 7.17 -17.45 -8.19
CA GLY B 44 6.25 -18.17 -9.08
C GLY B 44 4.84 -17.64 -9.16
N ALA B 45 4.60 -16.48 -8.54
CA ALA B 45 3.33 -15.80 -8.58
C ALA B 45 3.64 -14.35 -8.21
N PRO B 46 2.68 -13.43 -8.45
CA PRO B 46 2.99 -12.02 -8.16
C PRO B 46 3.29 -11.69 -6.69
N LEU B 47 2.73 -12.48 -5.78
CA LEU B 47 2.90 -12.34 -4.33
C LEU B 47 3.43 -13.65 -3.78
N HIS B 48 4.49 -13.59 -2.98
CA HIS B 48 5.15 -14.82 -2.51
C HIS B 48 4.24 -15.69 -1.65
N TRP B 49 3.29 -15.08 -0.97
CA TRP B 49 2.33 -15.84 -0.15
C TRP B 49 1.56 -16.85 -1.00
N MET B 50 1.39 -16.57 -2.29
CA MET B 50 0.63 -17.45 -3.18
C MET B 50 1.30 -18.80 -3.38
N GLN B 51 2.59 -18.91 -3.09
CA GLN B 51 3.30 -20.18 -3.13
C GLN B 51 2.90 -21.11 -1.97
N GLN B 52 2.13 -20.61 -1.00
CA GLN B 52 1.83 -21.36 0.23
C GLN B 52 0.49 -22.08 0.22
N TRP B 53 -0.26 -21.99 -0.88
CA TRP B 53 -1.37 -22.91 -1.12
C TRP B 53 -0.86 -24.36 -1.13
N PRO B 54 -1.68 -25.31 -0.65
CA PRO B 54 -1.21 -26.67 -0.68
C PRO B 54 -1.34 -27.22 -2.10
N GLY B 55 -0.58 -28.27 -2.38
CA GLY B 55 -0.49 -28.79 -3.73
C GLY B 55 0.77 -28.22 -4.31
N ASN B 56 1.07 -28.67 -5.51
CA ASN B 56 2.37 -28.38 -6.09
C ASN B 56 2.46 -27.00 -6.74
N CYS B 57 1.33 -26.30 -6.90
CA CYS B 57 1.33 -24.91 -7.36
C CYS B 57 0.04 -24.21 -6.97
N PRO B 58 0.05 -22.88 -6.94
CA PRO B 58 -1.24 -22.19 -6.82
C PRO B 58 -2.11 -22.40 -8.06
N LEU B 59 -3.41 -22.43 -7.84
CA LEU B 59 -4.34 -22.50 -8.96
C LEU B 59 -4.31 -21.20 -9.75
N LEU B 60 -4.41 -21.30 -11.08
CA LEU B 60 -4.70 -20.11 -11.91
C LEU B 60 -6.19 -20.00 -12.10
N VAL B 61 -6.75 -18.87 -11.71
CA VAL B 61 -8.19 -18.64 -11.74
C VAL B 61 -8.58 -18.09 -13.12
N LYS B 62 -9.65 -18.65 -13.67
CA LYS B 62 -10.24 -18.15 -14.90
C LYS B 62 -11.28 -17.09 -14.61
N GLU B 63 -12.25 -17.42 -13.78
CA GLU B 63 -13.24 -16.44 -13.33
C GLU B 63 -13.84 -16.77 -12.00
N ALA B 64 -14.33 -15.73 -11.35
CA ALA B 64 -14.93 -15.84 -10.03
C ALA B 64 -16.08 -14.84 -9.89
N GLN B 65 -17.16 -15.30 -9.25
CA GLN B 65 -18.32 -14.45 -9.03
C GLN B 65 -18.99 -14.98 -7.76
N GLY B 66 -19.34 -14.08 -6.85
CA GLY B 66 -19.96 -14.52 -5.60
C GLY B 66 -18.98 -15.34 -4.80
N ALA B 67 -19.41 -16.56 -4.44
CA ALA B 67 -18.56 -17.53 -3.77
C ALA B 67 -18.17 -18.68 -4.67
N ARG B 68 -18.17 -18.45 -5.99
CA ARG B 68 -17.80 -19.51 -6.95
C ARG B 68 -16.53 -19.10 -7.69
N VAL B 69 -15.62 -20.03 -7.84
CA VAL B 69 -14.36 -19.83 -8.58
C VAL B 69 -14.20 -20.95 -9.57
N THR B 70 -13.77 -20.64 -10.80
CA THR B 70 -13.45 -21.66 -11.79
C THR B 70 -11.99 -21.47 -12.19
N ASP B 71 -11.22 -22.55 -12.18
CA ASP B 71 -9.79 -22.47 -12.56
C ASP B 71 -9.59 -22.77 -14.05
N ILE B 72 -8.35 -22.64 -14.50
CA ILE B 72 -8.05 -22.86 -15.92
C ILE B 72 -8.10 -24.32 -16.37
N ASP B 73 -8.16 -25.27 -15.42
CA ASP B 73 -8.44 -26.66 -15.74
C ASP B 73 -9.96 -26.97 -15.77
N GLY B 74 -10.79 -25.95 -15.59
CA GLY B 74 -12.24 -26.13 -15.59
C GLY B 74 -12.82 -26.65 -14.29
N GLN B 75 -12.00 -26.78 -13.25
CA GLN B 75 -12.48 -27.21 -11.95
C GLN B 75 -13.25 -26.06 -11.33
N GLN B 76 -14.38 -26.37 -10.71
CA GLN B 76 -15.21 -25.37 -10.04
C GLN B 76 -15.12 -25.52 -8.53
N TYR B 77 -15.09 -24.40 -7.82
CA TYR B 77 -14.94 -24.41 -6.37
C TYR B 77 -15.97 -23.56 -5.70
N VAL B 78 -16.37 -23.97 -4.49
CA VAL B 78 -16.96 -23.04 -3.53
C VAL B 78 -15.82 -22.38 -2.80
N ASP B 79 -15.85 -21.05 -2.75
CA ASP B 79 -14.76 -20.28 -2.17
C ASP B 79 -15.15 -19.78 -0.77
N PHE B 80 -14.54 -20.39 0.26
CA PHE B 80 -14.61 -19.90 1.63
C PHE B 80 -13.35 -19.13 2.04
N ALA B 81 -12.43 -18.97 1.10
CA ALA B 81 -11.20 -18.20 1.31
C ALA B 81 -11.40 -16.72 1.05
N LEU B 82 -12.12 -16.43 -0.03
CA LEU B 82 -12.51 -15.06 -0.40
C LEU B 82 -11.34 -14.10 -0.36
N GLY B 83 -10.30 -14.48 -1.12
CA GLY B 83 -9.10 -13.64 -1.24
C GLY B 83 -8.34 -13.46 0.06
N ASP B 84 -8.39 -14.50 0.91
CA ASP B 84 -7.88 -14.40 2.28
C ASP B 84 -8.48 -13.19 2.99
N SER B 85 -9.80 -13.05 2.88
CA SER B 85 -10.61 -11.98 3.44
C SER B 85 -10.61 -10.64 2.67
N GLY B 86 -9.74 -10.51 1.67
CA GLY B 86 -9.77 -9.33 0.82
C GLY B 86 -11.03 -9.18 -0.02
N ALA B 87 -11.72 -10.30 -0.26
CA ALA B 87 -13.01 -10.29 -0.95
C ALA B 87 -14.09 -10.80 0.00
N MET B 88 -14.09 -10.31 1.23
CA MET B 88 -14.97 -10.85 2.27
C MET B 88 -16.46 -10.79 1.97
N PHE B 89 -16.90 -9.86 1.11
CA PHE B 89 -18.31 -9.79 0.76
C PHE B 89 -18.64 -10.47 -0.57
N GLY B 90 -17.69 -11.25 -1.09
CA GLY B 90 -17.86 -12.01 -2.32
C GLY B 90 -17.08 -11.39 -3.46
N HIS B 91 -16.91 -12.19 -4.51
CA HIS B 91 -16.24 -11.72 -5.72
C HIS B 91 -17.23 -11.02 -6.61
N ALA B 92 -16.76 -9.98 -7.30
CA ALA B 92 -17.55 -9.34 -8.36
C ALA B 92 -18.92 -8.87 -7.88
N GLN B 93 -18.96 -8.23 -6.71
CA GLN B 93 -20.21 -7.64 -6.19
C GLN B 93 -20.69 -6.65 -7.25
N PRO B 94 -21.90 -6.84 -7.81
CA PRO B 94 -22.28 -6.04 -8.97
C PRO B 94 -22.24 -4.52 -8.76
N ALA B 95 -22.71 -4.04 -7.61
CA ALA B 95 -22.72 -2.58 -7.36
C ALA B 95 -21.31 -2.05 -7.26
N VAL B 96 -20.42 -2.83 -6.69
CA VAL B 96 -19.06 -2.39 -6.44
C VAL B 96 -18.29 -2.42 -7.77
N ALA B 97 -18.43 -3.52 -8.49
CA ALA B 97 -17.81 -3.61 -9.82
C ALA B 97 -18.31 -2.53 -10.77
N ASP B 98 -19.60 -2.21 -10.72
CA ASP B 98 -20.15 -1.15 -11.55
C ASP B 98 -19.58 0.21 -11.16
N ALA B 99 -19.45 0.45 -9.86
CA ALA B 99 -18.90 1.73 -9.36
C ALA B 99 -17.45 1.90 -9.80
N ILE B 100 -16.68 0.81 -9.72
CA ILE B 100 -15.28 0.82 -10.15
C ILE B 100 -15.19 1.11 -11.66
N ALA B 101 -16.00 0.41 -12.44
CA ALA B 101 -15.98 0.60 -13.87
C ALA B 101 -16.34 2.02 -14.26
N ARG B 102 -17.38 2.57 -13.64
CA ARG B 102 -17.86 3.93 -13.93
C ARG B 102 -16.77 4.95 -13.58
N GLN B 103 -16.19 4.80 -12.40
CA GLN B 103 -15.22 5.80 -11.95
C GLN B 103 -13.94 5.71 -12.75
N ALA B 104 -13.52 4.52 -13.14
CA ALA B 104 -12.30 4.39 -13.98
C ALA B 104 -12.43 5.19 -15.28
N ARG B 105 -13.63 5.25 -15.82
CA ARG B 105 -13.90 6.00 -17.04
C ARG B 105 -14.04 7.51 -16.83
N ARG B 106 -13.98 7.99 -15.59
CA ARG B 106 -14.04 9.44 -15.35
C ARG B 106 -12.98 9.99 -14.40
N GLY B 107 -11.88 9.25 -14.25
CA GLY B 107 -10.74 9.67 -13.48
C GLY B 107 -10.55 8.84 -12.23
N SER B 108 -9.47 8.07 -12.20
N SER B 108 -9.44 8.11 -12.17
CA SER B 108 -9.19 7.18 -11.07
CA SER B 108 -9.21 7.19 -11.05
C SER B 108 -8.33 7.83 -10.00
C SER B 108 -8.29 7.79 -9.99
N THR B 109 -7.35 8.63 -10.39
CA THR B 109 -6.43 9.24 -9.42
C THR B 109 -6.02 10.64 -9.87
N LEU B 110 -6.48 11.61 -9.09
CA LEU B 110 -6.34 13.04 -9.42
C LEU B 110 -5.54 13.83 -8.39
N MET B 111 -5.18 13.21 -7.26
CA MET B 111 -4.65 13.93 -6.10
C MET B 111 -5.67 14.95 -5.59
N LEU B 112 -6.95 14.67 -5.82
CA LEU B 112 -8.04 15.55 -5.42
C LEU B 112 -9.24 14.72 -5.00
N PRO B 113 -10.10 15.30 -4.19
CA PRO B 113 -11.34 14.63 -3.81
C PRO B 113 -12.39 14.70 -4.90
N THR B 114 -13.38 13.81 -4.79
CA THR B 114 -14.58 13.83 -5.61
C THR B 114 -15.79 13.89 -4.71
N GLU B 115 -16.98 13.96 -5.31
CA GLU B 115 -18.21 13.99 -4.51
C GLU B 115 -18.41 12.76 -3.63
N ASP B 116 -17.85 11.62 -4.06
CA ASP B 116 -17.91 10.43 -3.20
C ASP B 116 -17.26 10.61 -1.82
N SER B 117 -16.23 11.46 -1.72
CA SER B 117 -15.60 11.71 -0.43
C SER B 117 -16.59 12.33 0.56
N LEU B 118 -17.51 13.15 0.09
CA LEU B 118 -18.51 13.74 0.98
C LEU B 118 -19.37 12.65 1.63
N TRP B 119 -19.90 11.76 0.81
CA TRP B 119 -20.78 10.72 1.30
C TRP B 119 -20.01 9.74 2.19
N VAL B 120 -18.84 9.30 1.73
CA VAL B 120 -18.08 8.30 2.48
C VAL B 120 -17.62 8.80 3.85
N GLY B 121 -17.12 10.02 3.90
CA GLY B 121 -16.68 10.55 5.21
C GLY B 121 -17.80 10.54 6.24
N ALA B 122 -18.97 11.00 5.83
CA ALA B 122 -20.13 11.04 6.72
C ALA B 122 -20.57 9.65 7.14
N GLU B 123 -20.52 8.72 6.18
CA GLU B 123 -20.90 7.34 6.45
C GLU B 123 -19.94 6.67 7.45
N LEU B 124 -18.63 6.88 7.30
CA LEU B 124 -17.67 6.33 8.24
C LEU B 124 -17.93 6.81 9.67
N ALA B 125 -18.16 8.10 9.82
CA ALA B 125 -18.46 8.68 11.12
C ALA B 125 -19.74 8.14 11.73
N ARG B 126 -20.76 7.97 10.89
CA ARG B 126 -22.03 7.42 11.33
C ARG B 126 -21.89 5.97 11.76
N ARG B 127 -21.30 5.18 10.88
CA ARG B 127 -21.21 3.73 11.07
C ARG B 127 -20.32 3.34 12.24
N PHE B 128 -19.14 3.95 12.32
CA PHE B 128 -18.14 3.52 13.30
C PHE B 128 -17.97 4.41 14.53
N GLY B 129 -18.66 5.54 14.58
CA GLY B 129 -18.75 6.34 15.80
C GLY B 129 -17.46 7.03 16.21
N LEU B 130 -16.58 7.28 15.23
CA LEU B 130 -15.44 8.17 15.42
C LEU B 130 -15.59 9.27 14.39
N PRO B 131 -15.24 10.52 14.77
CA PRO B 131 -15.58 11.63 13.87
C PRO B 131 -14.69 11.87 12.67
N TYR B 132 -13.39 11.55 12.76
CA TYR B 132 -12.43 11.99 11.72
C TYR B 132 -11.68 10.81 11.13
N TRP B 133 -11.51 10.84 9.81
CA TRP B 133 -11.01 9.72 9.03
C TRP B 133 -9.91 10.14 8.06
N GLN B 134 -9.12 9.16 7.63
CA GLN B 134 -8.19 9.29 6.52
C GLN B 134 -8.15 7.97 5.78
N VAL B 135 -7.69 7.99 4.54
CA VAL B 135 -7.63 6.79 3.70
C VAL B 135 -6.18 6.47 3.37
N THR B 136 -5.84 5.18 3.35
CA THR B 136 -4.51 4.71 2.91
C THR B 136 -4.67 3.64 1.81
N THR B 137 -3.56 3.09 1.33
CA THR B 137 -3.63 2.01 0.34
C THR B 137 -3.55 0.61 0.96
N SER B 138 -3.45 0.52 2.28
CA SER B 138 -3.46 -0.78 2.97
C SER B 138 -3.67 -0.66 4.46
N ALA B 139 -4.16 -1.73 5.07
CA ALA B 139 -4.30 -1.76 6.51
C ALA B 139 -2.94 -1.62 7.19
N THR B 140 -1.90 -2.23 6.62
CA THR B 140 -0.54 -2.05 7.14
C THR B 140 -0.21 -0.56 7.25
N ASP B 141 -0.45 0.17 6.17
CA ASP B 141 -0.13 1.60 6.17
C ASP B 141 -0.97 2.38 7.16
N ALA B 142 -2.26 2.03 7.30
CA ALA B 142 -3.07 2.70 8.33
C ALA B 142 -2.43 2.50 9.69
N ASN B 143 -2.03 1.27 10.01
CA ASN B 143 -1.37 1.00 11.29
C ASN B 143 -0.06 1.78 11.42
N ARG B 144 0.79 1.77 10.38
CA ARG B 144 2.07 2.48 10.43
C ARG B 144 1.87 3.97 10.67
N PHE B 145 0.91 4.55 9.98
CA PHE B 145 0.71 6.00 10.03
C PHE B 145 0.08 6.44 11.36
N VAL B 146 -0.85 5.65 11.84
CA VAL B 146 -1.41 5.89 13.18
C VAL B 146 -0.31 5.84 14.24
N LEU B 147 0.56 4.83 14.13
CA LEU B 147 1.64 4.71 15.12
C LEU B 147 2.57 5.93 15.08
N ARG B 148 2.87 6.42 13.87
CA ARG B 148 3.65 7.63 13.71
C ARG B 148 3.01 8.82 14.43
N LEU B 149 1.72 9.01 14.20
CA LEU B 149 1.00 10.11 14.85
C LEU B 149 0.98 9.95 16.37
N CYS B 150 0.82 8.71 16.84
CA CYS B 150 0.87 8.46 18.28
C CYS B 150 2.25 8.80 18.88
N ARG B 151 3.33 8.46 18.18
CA ARG B 151 4.67 8.85 18.64
C ARG B 151 4.82 10.37 18.65
N MET B 152 4.31 11.03 17.60
CA MET B 152 4.38 12.49 17.52
C MET B 152 3.65 13.17 18.68
N LEU B 153 2.42 12.73 18.95
CA LEU B 153 1.60 13.43 19.94
C LEU B 153 2.01 13.09 21.37
N SER B 154 2.59 11.90 21.59
CA SER B 154 2.93 11.43 22.94
C SER B 154 4.37 11.74 23.34
N GLY B 155 5.27 11.87 22.36
CA GLY B 155 6.71 11.94 22.59
C GLY B 155 7.32 10.66 23.14
N ARG B 156 6.60 9.54 23.00
CA ARG B 156 7.08 8.22 23.44
C ARG B 156 7.31 7.34 22.24
N ASP B 157 8.21 6.37 22.36
CA ASP B 157 8.67 5.60 21.21
C ASP B 157 8.12 4.19 21.08
N LYS B 158 7.66 3.57 22.18
CA LYS B 158 7.31 2.16 22.11
C LYS B 158 5.84 1.90 21.78
N VAL B 159 5.60 0.76 21.14
CA VAL B 159 4.26 0.25 20.91
C VAL B 159 4.12 -1.05 21.69
N VAL B 160 2.97 -1.25 22.33
CA VAL B 160 2.59 -2.55 22.86
C VAL B 160 1.81 -3.32 21.81
N VAL B 161 2.23 -4.56 21.57
CA VAL B 161 1.49 -5.51 20.76
C VAL B 161 1.39 -6.81 21.55
N PHE B 162 0.53 -7.70 21.07
CA PHE B 162 0.28 -8.95 21.76
C PHE B 162 0.97 -10.10 21.04
N ASN B 163 1.36 -11.11 21.80
CA ASN B 163 2.07 -12.26 21.25
C ASN B 163 1.18 -12.96 20.23
N CYS B 164 1.77 -13.27 19.08
CA CYS B 164 1.11 -13.91 17.94
C CYS B 164 0.06 -13.02 17.26
N ASN B 165 0.25 -11.71 17.35
CA ASN B 165 -0.51 -10.74 16.57
C ASN B 165 -0.24 -10.89 15.08
N TYR B 166 -1.11 -10.29 14.28
CA TYR B 166 -0.67 -9.83 12.94
C TYR B 166 -1.36 -8.54 12.63
N HIS B 167 -0.57 -7.54 12.22
CA HIS B 167 -1.09 -6.22 11.84
C HIS B 167 -0.54 -5.76 10.50
N GLY B 168 0.00 -6.68 9.70
CA GLY B 168 0.65 -6.32 8.45
C GLY B 168 2.15 -6.23 8.56
N SER B 169 2.77 -5.62 7.55
CA SER B 169 4.22 -5.47 7.55
C SER B 169 4.63 -4.25 8.36
N VAL B 170 4.27 -4.29 9.64
CA VAL B 170 4.58 -3.26 10.62
C VAL B 170 5.77 -3.82 11.38
N ASP B 171 6.96 -3.32 11.08
CA ASP B 171 8.18 -4.00 11.58
C ASP B 171 8.21 -4.11 13.11
N GLU B 172 7.74 -3.08 13.81
CA GLU B 172 7.77 -3.06 15.28
C GLU B 172 6.89 -4.14 15.91
N SER B 173 5.92 -4.67 15.16
CA SER B 173 5.05 -5.73 15.65
C SER B 173 5.61 -7.14 15.50
N GLN B 174 6.73 -7.29 14.80
CA GLN B 174 7.22 -8.60 14.39
C GLN B 174 8.09 -9.23 15.46
N VAL B 175 7.46 -9.56 16.58
CA VAL B 175 8.13 -10.12 17.75
C VAL B 175 7.29 -11.27 18.28
N GLU B 176 7.94 -12.12 19.07
CA GLU B 176 7.25 -13.20 19.79
C GLU B 176 7.97 -13.47 21.10
N PHE B 177 7.36 -14.27 21.96
CA PHE B 177 8.07 -14.75 23.15
C PHE B 177 8.82 -16.04 22.85
N ASP B 178 10.06 -16.10 23.31
CA ASP B 178 10.83 -17.36 23.26
C ASP B 178 10.45 -18.24 24.45
N ALA B 179 11.09 -19.40 24.58
CA ALA B 179 10.73 -20.34 25.64
C ALA B 179 10.96 -19.83 27.06
N ALA B 180 11.85 -18.85 27.21
CA ALA B 180 12.11 -18.22 28.50
C ALA B 180 11.22 -16.99 28.77
N GLY B 181 10.30 -16.68 27.86
CA GLY B 181 9.46 -15.50 27.99
C GLY B 181 10.16 -14.20 27.60
N ARG B 182 11.28 -14.30 26.88
CA ARG B 182 11.96 -13.11 26.37
C ARG B 182 11.35 -12.70 25.03
N MET B 183 11.23 -11.39 24.82
CA MET B 183 10.79 -10.86 23.53
C MET B 183 11.94 -10.96 22.53
N VAL B 184 11.69 -11.69 21.44
CA VAL B 184 12.66 -11.89 20.35
C VAL B 184 11.96 -11.64 19.01
N PRO B 185 12.73 -11.46 17.92
CA PRO B 185 12.07 -11.33 16.62
C PRO B 185 11.21 -12.55 16.28
N ARG B 186 10.11 -12.29 15.61
CA ARG B 186 9.16 -13.33 15.21
C ARG B 186 9.87 -14.35 14.32
N ALA B 187 9.55 -15.63 14.49
CA ALA B 187 10.21 -16.69 13.73
C ALA B 187 10.03 -16.43 12.24
N GLY B 188 11.14 -16.48 11.50
CA GLY B 188 11.16 -16.26 10.08
C GLY B 188 10.99 -14.81 9.63
N VAL B 189 11.00 -13.86 10.56
CA VAL B 189 10.88 -12.45 10.21
C VAL B 189 12.13 -11.75 10.68
N HIS B 190 13.00 -11.45 9.71
CA HIS B 190 14.26 -10.80 9.98
C HIS B 190 14.03 -9.47 10.72
N PRO B 191 14.89 -9.13 11.70
CA PRO B 191 14.63 -7.88 12.44
C PRO B 191 14.74 -6.60 11.60
N ASN B 192 15.41 -6.69 10.47
CA ASN B 192 15.37 -5.68 9.43
C ASN B 192 16.00 -4.39 9.93
N GLY B 193 17.09 -4.55 10.69
CA GLY B 193 17.80 -3.44 11.31
C GLY B 193 17.11 -2.79 12.51
N VAL B 194 15.96 -3.32 12.93
CA VAL B 194 15.25 -2.82 14.11
C VAL B 194 15.83 -3.55 15.34
N ARG B 195 15.99 -2.81 16.43
CA ARG B 195 16.32 -3.39 17.73
C ARG B 195 15.02 -3.31 18.52
N HIS B 196 14.27 -4.42 18.56
CA HIS B 196 12.89 -4.34 19.05
C HIS B 196 12.77 -3.95 20.52
N ALA B 197 13.81 -4.19 21.32
CA ALA B 197 13.81 -3.68 22.70
C ALA B 197 13.59 -2.16 22.78
N THR B 198 13.99 -1.43 21.73
CA THR B 198 13.82 0.03 21.68
C THR B 198 12.49 0.49 21.12
N THR B 199 11.76 -0.40 20.44
CA THR B 199 10.51 -0.04 19.77
C THR B 199 9.25 -0.67 20.31
N THR B 200 9.38 -1.76 21.07
CA THR B 200 8.24 -2.64 21.31
C THR B 200 8.23 -3.21 22.72
N ARG B 201 7.04 -3.27 23.33
CA ARG B 201 6.81 -4.06 24.52
C ARG B 201 5.77 -5.12 24.18
N LEU B 202 6.10 -6.37 24.47
CA LEU B 202 5.24 -7.50 24.11
C LEU B 202 4.54 -8.03 25.37
N VAL B 203 3.25 -8.33 25.22
CA VAL B 203 2.44 -8.88 26.30
C VAL B 203 1.60 -10.01 25.71
N GLU B 204 1.18 -10.98 26.53
CA GLU B 204 0.17 -11.92 26.06
C GLU B 204 -1.20 -11.23 26.14
N PHE B 205 -2.09 -11.58 25.20
CA PHE B 205 -3.50 -11.20 25.28
C PHE B 205 -4.10 -11.75 26.58
N ASN B 206 -5.15 -11.07 27.07
CA ASN B 206 -5.88 -11.50 28.27
C ASN B 206 -5.01 -11.58 29.53
N ASP B 207 -4.09 -10.64 29.66
CA ASP B 207 -3.18 -10.59 30.81
C ASP B 207 -3.01 -9.14 31.27
N LEU B 208 -3.94 -8.69 32.10
CA LEU B 208 -3.97 -7.30 32.51
C LEU B 208 -2.82 -6.92 33.43
N ASP B 209 -2.33 -7.86 34.25
CA ASP B 209 -1.16 -7.57 35.10
C ASP B 209 0.09 -7.31 34.25
N ALA B 210 0.29 -8.13 33.22
CA ALA B 210 1.41 -7.96 32.31
C ALA B 210 1.28 -6.68 31.50
N LEU B 211 0.05 -6.35 31.08
CA LEU B 211 -0.19 -5.12 30.35
C LEU B 211 0.13 -3.90 31.22
N GLU B 212 -0.37 -3.92 32.46
CA GLU B 212 -0.04 -2.83 33.41
C GLU B 212 1.48 -2.65 33.58
N ALA B 213 2.19 -3.76 33.74
CA ALA B 213 3.64 -3.72 33.91
C ALA B 213 4.34 -3.10 32.70
N ALA B 214 3.86 -3.43 31.50
CA ALA B 214 4.44 -2.84 30.28
C ALA B 214 4.19 -1.34 30.23
N LEU B 215 2.95 -0.92 30.47
CA LEU B 215 2.60 0.50 30.37
C LEU B 215 3.25 1.35 31.46
N ALA B 216 3.49 0.75 32.61
CA ALA B 216 4.08 1.45 33.76
C ALA B 216 5.48 2.02 33.51
N HIS B 217 6.19 1.50 32.51
CA HIS B 217 7.48 2.06 32.11
C HIS B 217 7.37 3.49 31.58
N GLY B 218 6.19 3.89 31.12
CA GLY B 218 5.93 5.26 30.72
C GLY B 218 6.50 5.66 29.37
N ASP B 219 6.91 4.66 28.58
CA ASP B 219 7.52 4.88 27.26
C ASP B 219 6.67 4.33 26.11
N VAL B 220 5.41 4.01 26.38
CA VAL B 220 4.48 3.43 25.39
C VAL B 220 3.59 4.51 24.79
N ALA B 221 3.70 4.68 23.47
CA ALA B 221 2.86 5.60 22.74
C ALA B 221 1.46 5.04 22.48
N ALA B 222 1.35 3.73 22.27
CA ALA B 222 0.09 3.13 21.88
C ALA B 222 0.09 1.64 22.12
N VAL B 223 -1.11 1.10 22.34
CA VAL B 223 -1.39 -0.32 22.28
C VAL B 223 -2.10 -0.56 20.96
N LEU B 224 -1.58 -1.49 20.17
CA LEU B 224 -2.17 -1.87 18.90
C LEU B 224 -2.69 -3.29 19.03
N THR B 225 -3.95 -3.52 18.71
CA THR B 225 -4.54 -4.85 18.85
C THR B 225 -5.80 -5.05 18.03
N GLU B 226 -6.01 -6.28 17.59
CA GLU B 226 -7.35 -6.68 17.20
C GLU B 226 -8.17 -6.80 18.48
N PRO B 227 -9.49 -6.57 18.39
CA PRO B 227 -10.32 -6.76 19.59
C PRO B 227 -10.59 -8.23 19.95
N PHE B 228 -10.30 -9.10 18.98
CA PHE B 228 -10.50 -10.54 19.09
C PHE B 228 -9.41 -11.04 18.14
N MET B 229 -8.45 -11.85 18.62
CA MET B 229 -7.32 -12.21 17.75
C MET B 229 -7.79 -13.22 16.71
N THR B 230 -7.36 -13.03 15.47
CA THR B 230 -7.76 -13.88 14.35
C THR B 230 -6.61 -14.43 13.53
N ASN B 231 -5.36 -14.13 13.88
CA ASN B 231 -4.22 -14.51 13.05
C ASN B 231 -3.32 -15.57 13.72
N VAL B 232 -3.85 -16.29 14.69
CA VAL B 232 -3.17 -17.46 15.27
C VAL B 232 -4.25 -18.46 15.69
N GLY B 233 -5.14 -18.75 14.76
CA GLY B 233 -6.45 -19.25 15.17
C GLY B 233 -7.15 -18.06 15.83
N MET B 234 -8.25 -18.33 16.51
CA MET B 234 -9.04 -17.29 17.14
C MET B 234 -8.85 -17.28 18.64
N VAL B 235 -8.55 -16.11 19.19
CA VAL B 235 -8.42 -15.94 20.63
C VAL B 235 -9.43 -14.89 21.08
N PRO B 236 -10.54 -15.30 21.69
CA PRO B 236 -11.49 -14.33 22.16
C PRO B 236 -10.96 -13.54 23.36
N PRO B 237 -11.41 -12.28 23.51
CA PRO B 237 -11.07 -11.56 24.73
C PRO B 237 -11.78 -12.19 25.91
N ALA B 238 -11.09 -12.25 27.05
CA ALA B 238 -11.68 -12.79 28.27
C ALA B 238 -12.67 -11.80 28.86
N GLU B 239 -13.52 -12.32 29.74
CA GLU B 239 -14.41 -11.48 30.53
C GLU B 239 -13.60 -10.39 31.23
N GLY B 240 -14.00 -9.14 31.03
CA GLY B 240 -13.35 -8.00 31.64
C GLY B 240 -12.08 -7.49 30.97
N PHE B 241 -11.61 -8.18 29.93
CA PHE B 241 -10.34 -7.77 29.33
C PHE B 241 -10.42 -6.39 28.66
N HIS B 242 -11.44 -6.18 27.84
CA HIS B 242 -11.55 -4.90 27.16
C HIS B 242 -11.75 -3.73 28.09
N ALA B 243 -12.52 -3.94 29.16
CA ALA B 243 -12.69 -2.90 30.18
C ALA B 243 -11.35 -2.55 30.80
N GLY B 244 -10.56 -3.57 31.14
CA GLY B 244 -9.24 -3.36 31.72
C GLY B 244 -8.23 -2.73 30.79
N LEU B 245 -8.24 -3.18 29.54
CA LEU B 245 -7.41 -2.62 28.48
C LEU B 245 -7.67 -1.12 28.32
N ARG B 246 -8.96 -0.77 28.25
CA ARG B 246 -9.35 0.63 28.07
C ARG B 246 -8.99 1.47 29.32
N GLU B 247 -9.21 0.91 30.51
CA GLU B 247 -8.89 1.64 31.75
C GLU B 247 -7.38 1.87 31.93
N LEU B 248 -6.58 0.84 31.67
CA LEU B 248 -5.13 0.94 31.86
C LEU B 248 -4.52 1.91 30.88
N THR B 249 -4.98 1.88 29.62
CA THR B 249 -4.44 2.81 28.63
C THR B 249 -4.82 4.26 28.97
N ARG B 250 -6.04 4.48 29.44
CA ARG B 250 -6.43 5.82 29.91
C ARG B 250 -5.58 6.31 31.07
N ARG B 251 -5.39 5.45 32.07
CA ARG B 251 -4.59 5.80 33.27
C ARG B 251 -3.16 6.21 32.91
N HIS B 252 -2.56 5.52 31.94
CA HIS B 252 -1.20 5.79 31.48
C HIS B 252 -1.10 6.78 30.31
N ASP B 253 -2.23 7.37 29.91
CA ASP B 253 -2.32 8.26 28.73
C ASP B 253 -1.67 7.62 27.49
N VAL B 254 -2.10 6.39 27.22
CA VAL B 254 -1.63 5.60 26.08
C VAL B 254 -2.80 5.45 25.11
N ALA B 255 -2.52 5.67 23.83
CA ALA B 255 -3.52 5.50 22.76
C ALA B 255 -3.89 4.03 22.59
N LEU B 256 -5.19 3.77 22.43
CA LEU B 256 -5.69 2.44 22.12
C LEU B 256 -6.12 2.39 20.65
N ILE B 257 -5.40 1.60 19.86
CA ILE B 257 -5.67 1.41 18.42
C ILE B 257 -6.31 0.04 18.26
N ILE B 258 -7.55 0.05 17.74
CA ILE B 258 -8.29 -1.18 17.50
C ILE B 258 -8.28 -1.47 15.98
N ASP B 259 -7.69 -2.61 15.62
CA ASP B 259 -7.55 -3.03 14.23
C ASP B 259 -8.63 -4.05 13.90
N GLU B 260 -9.58 -3.64 13.08
CA GLU B 260 -10.77 -4.44 12.73
C GLU B 260 -10.72 -5.02 11.33
N THR B 261 -9.52 -5.12 10.77
CA THR B 261 -9.33 -5.65 9.43
C THR B 261 -10.02 -7.01 9.22
N HIS B 262 -9.94 -7.89 10.22
CA HIS B 262 -10.72 -9.15 10.22
C HIS B 262 -12.01 -9.10 11.05
N THR B 263 -11.97 -8.42 12.19
CA THR B 263 -13.08 -8.46 13.13
C THR B 263 -14.30 -7.67 12.65
N ILE B 264 -14.19 -6.96 11.53
CA ILE B 264 -15.35 -6.42 10.82
C ILE B 264 -16.39 -7.51 10.46
N SER B 265 -15.97 -8.78 10.45
CA SER B 265 -16.93 -9.88 10.33
C SER B 265 -17.96 -9.96 11.44
N CYS B 266 -17.72 -9.32 12.59
N CYS B 266 -17.71 -9.31 12.59
CA CYS B 266 -18.65 -9.36 13.72
CA CYS B 266 -18.61 -9.36 13.76
C CYS B 266 -20.00 -8.70 13.47
C CYS B 266 -19.95 -8.63 13.55
N GLY B 267 -19.99 -7.67 12.63
CA GLY B 267 -21.19 -6.91 12.38
C GLY B 267 -20.91 -5.65 11.62
N PRO B 268 -21.99 -4.95 11.26
CA PRO B 268 -21.86 -3.78 10.37
C PRO B 268 -21.08 -2.61 10.94
N ALA B 269 -20.89 -2.56 12.27
CA ALA B 269 -20.05 -1.52 12.90
C ALA B 269 -18.83 -2.15 13.58
N GLY B 270 -18.48 -3.35 13.13
CA GLY B 270 -17.37 -4.10 13.72
C GLY B 270 -17.60 -4.60 15.12
N TYR B 271 -16.59 -5.27 15.66
CA TYR B 271 -16.63 -5.68 17.05
C TYR B 271 -16.83 -4.46 17.98
N SER B 272 -16.13 -3.37 17.69
CA SER B 272 -16.21 -2.16 18.50
C SER B 272 -17.65 -1.65 18.62
N GLY B 273 -18.38 -1.68 17.51
CA GLY B 273 -19.75 -1.24 17.52
C GLY B 273 -20.72 -2.18 18.17
N ALA B 274 -20.44 -3.47 18.15
CA ALA B 274 -21.27 -4.43 18.85
C ALA B 274 -21.08 -4.34 20.35
N HIS B 275 -19.82 -4.17 20.77
CA HIS B 275 -19.43 -4.30 22.18
C HIS B 275 -19.13 -3.03 22.93
N GLY B 276 -19.38 -1.88 22.31
CA GLY B 276 -19.20 -0.61 22.97
C GLY B 276 -17.76 -0.31 23.32
N LEU B 277 -16.82 -0.73 22.47
CA LEU B 277 -15.44 -0.36 22.69
C LEU B 277 -15.29 1.14 22.43
N GLU B 278 -14.20 1.69 22.96
CA GLU B 278 -13.96 3.13 22.92
C GLU B 278 -12.55 3.38 22.40
N PRO B 279 -12.30 3.01 21.12
CA PRO B 279 -10.98 3.18 20.59
C PRO B 279 -10.59 4.65 20.49
N ASP B 280 -9.30 4.93 20.65
CA ASP B 280 -8.74 6.23 20.30
C ASP B 280 -8.56 6.29 18.78
N PHE B 281 -8.13 5.17 18.18
CA PHE B 281 -7.98 5.04 16.75
C PHE B 281 -8.61 3.72 16.32
N PHE B 282 -9.16 3.69 15.10
CA PHE B 282 -9.86 2.54 14.54
C PHE B 282 -9.33 2.31 13.15
N VAL B 283 -8.89 1.10 12.84
CA VAL B 283 -8.30 0.77 11.54
C VAL B 283 -9.13 -0.30 10.85
N LEU B 284 -9.43 -0.10 9.57
CA LEU B 284 -10.16 -1.07 8.77
C LEU B 284 -9.58 -1.20 7.39
N GLY B 285 -9.25 -2.42 6.97
CA GLY B 285 -8.61 -2.71 5.68
C GLY B 285 -9.47 -2.85 4.42
N ALA B 286 -8.97 -3.61 3.44
CA ALA B 286 -9.44 -3.46 2.07
C ALA B 286 -10.74 -4.15 1.69
N CYS B 287 -11.36 -4.93 2.58
CA CYS B 287 -12.70 -5.45 2.26
C CYS B 287 -13.70 -4.35 1.79
N ILE B 288 -13.42 -3.09 2.14
CA ILE B 288 -14.34 -2.00 1.84
C ILE B 288 -14.26 -1.40 0.44
N ALA B 289 -13.29 -1.80 -0.40
CA ALA B 289 -13.13 -1.17 -1.71
C ALA B 289 -13.01 -2.15 -2.90
N GLY B 290 -13.67 -3.30 -2.77
CA GLY B 290 -13.89 -4.19 -3.91
C GLY B 290 -12.67 -4.75 -4.63
N GLY B 291 -11.58 -4.90 -3.90
CA GLY B 291 -10.31 -5.39 -4.48
C GLY B 291 -9.34 -4.29 -4.87
N ILE B 292 -9.73 -3.03 -4.70
CA ILE B 292 -8.78 -1.95 -4.84
C ILE B 292 -8.06 -1.84 -3.48
N PRO B 293 -6.72 -1.96 -3.47
CA PRO B 293 -5.98 -1.84 -2.21
C PRO B 293 -6.35 -0.55 -1.49
N SER B 294 -6.83 -0.69 -0.25
N SER B 294 -6.80 -0.66 -0.25
CA SER B 294 -7.37 0.43 0.50
CA SER B 294 -7.33 0.47 0.49
C SER B 294 -7.43 0.11 1.97
C SER B 294 -7.49 0.13 1.94
N ALA B 295 -7.52 1.15 2.78
CA ALA B 295 -7.89 1.03 4.17
C ALA B 295 -8.32 2.41 4.63
N VAL B 296 -9.03 2.45 5.74
CA VAL B 296 -9.35 3.69 6.41
C VAL B 296 -8.89 3.62 7.84
N TRP B 297 -8.60 4.78 8.42
CA TRP B 297 -8.45 4.88 9.84
C TRP B 297 -9.17 6.08 10.34
N GLY B 298 -9.70 5.96 11.55
CA GLY B 298 -10.44 7.02 12.19
C GLY B 298 -9.90 7.30 13.58
N CYS B 299 -10.23 8.47 14.10
CA CYS B 299 -9.80 8.83 15.45
C CYS B 299 -10.86 9.61 16.17
N SER B 300 -10.77 9.58 17.50
CA SER B 300 -11.70 10.30 18.35
C SER B 300 -11.48 11.80 18.22
N GLN B 301 -12.46 12.54 18.70
CA GLN B 301 -12.35 13.99 18.77
C GLN B 301 -11.12 14.43 19.55
N ALA B 302 -10.93 13.78 20.71
CA ALA B 302 -9.81 14.14 21.58
C ALA B 302 -8.46 13.90 20.89
N GLN B 303 -8.34 12.80 20.15
CA GLN B 303 -7.10 12.54 19.42
C GLN B 303 -6.92 13.52 18.27
N ALA B 304 -8.01 13.86 17.57
CA ALA B 304 -7.95 14.85 16.48
C ALA B 304 -7.37 16.17 16.94
N GLU B 305 -7.87 16.64 18.09
CA GLU B 305 -7.37 17.87 18.65
C GLU B 305 -5.88 17.80 18.98
N ARG B 306 -5.43 16.66 19.49
CA ARG B 306 -4.01 16.46 19.79
C ARG B 306 -3.17 16.41 18.52
N ILE B 307 -3.68 15.77 17.49
CA ILE B 307 -2.99 15.69 16.20
C ILE B 307 -2.87 17.07 15.55
N TRP B 308 -3.96 17.83 15.52
CA TRP B 308 -3.92 19.16 14.93
C TRP B 308 -2.92 20.08 15.66
N ALA B 309 -2.75 19.87 16.96
CA ALA B 309 -1.79 20.71 17.72
C ALA B 309 -0.35 20.40 17.35
N VAL B 310 -0.05 19.18 16.91
CA VAL B 310 1.31 18.85 16.44
C VAL B 310 1.47 18.93 14.92
N LEU B 311 0.35 18.87 14.19
CA LEU B 311 0.37 18.95 12.74
C LEU B 311 -0.83 19.81 12.33
N PRO B 312 -0.66 21.14 12.34
CA PRO B 312 -1.79 22.03 12.05
C PRO B 312 -2.28 21.91 10.63
N HIS B 313 -3.53 22.33 10.43
CA HIS B 313 -4.05 22.46 9.06
C HIS B 313 -3.09 23.31 8.23
N PHE B 314 -2.88 22.87 6.99
CA PHE B 314 -1.93 23.50 6.08
C PHE B 314 -2.32 24.94 5.78
N ARG B 315 -1.34 25.82 5.73
CA ARG B 315 -1.58 27.25 5.48
C ARG B 315 -1.21 27.62 4.04
N PRO B 316 -1.92 28.61 3.45
CA PRO B 316 -1.60 29.02 2.07
C PRO B 316 -0.15 29.47 1.94
N GLY B 317 0.58 28.90 1.00
CA GLY B 317 1.98 29.30 0.79
C GLY B 317 3.00 28.63 1.69
N GLN B 318 2.53 27.77 2.61
CA GLN B 318 3.42 26.94 3.41
C GLN B 318 4.24 25.99 2.54
N ALA B 319 5.47 25.70 2.97
CA ALA B 319 6.28 24.70 2.28
C ALA B 319 5.57 23.33 2.33
N ILE B 320 5.42 22.73 1.17
CA ILE B 320 4.86 21.38 1.01
C ILE B 320 5.61 20.34 1.86
N ASN B 321 4.86 19.40 2.44
CA ASN B 321 5.50 18.29 3.17
C ASN B 321 4.52 17.14 3.31
N HIS B 322 5.02 15.92 3.13
CA HIS B 322 4.27 14.70 3.40
C HIS B 322 4.22 14.40 4.91
N PHE B 323 5.21 14.87 5.67
CA PHE B 323 5.31 14.65 7.10
C PHE B 323 5.52 13.16 7.46
N GLY B 324 6.01 12.39 6.50
CA GLY B 324 6.32 10.97 6.73
C GLY B 324 5.20 9.97 6.51
N PHE B 325 4.04 10.43 6.07
CA PHE B 325 2.91 9.53 5.87
C PHE B 325 2.03 10.01 4.75
N GLY B 326 0.95 9.27 4.49
CA GLY B 326 0.18 9.45 3.26
C GLY B 326 0.83 8.62 2.19
N GLY B 327 0.30 8.68 0.99
CA GLY B 327 0.86 8.00 -0.17
C GLY B 327 0.20 8.50 -1.43
N THR B 328 0.88 8.34 -2.56
CA THR B 328 0.47 9.03 -3.79
C THR B 328 -0.92 8.65 -4.28
N LEU B 329 -1.30 7.39 -4.12
CA LEU B 329 -2.63 6.93 -4.59
C LEU B 329 -3.62 6.78 -3.44
N ALA B 330 -3.24 7.18 -2.23
CA ALA B 330 -4.14 7.09 -1.08
C ALA B 330 -5.30 8.07 -1.21
N GLY B 331 -6.51 7.58 -0.92
CA GLY B 331 -7.68 8.42 -0.96
C GLY B 331 -8.11 8.81 -2.34
N ASN B 332 -7.83 7.95 -3.32
CA ASN B 332 -8.14 8.29 -4.69
C ASN B 332 -9.59 8.04 -5.08
N ALA B 333 -9.98 8.63 -6.20
CA ALA B 333 -11.38 8.59 -6.64
C ALA B 333 -11.89 7.18 -6.78
N LEU B 334 -11.04 6.29 -7.29
CA LEU B 334 -11.44 4.91 -7.50
C LEU B 334 -11.77 4.21 -6.18
N GLN B 335 -10.89 4.38 -5.20
CA GLN B 335 -11.12 3.82 -3.86
C GLN B 335 -12.44 4.33 -3.28
N LEU B 336 -12.65 5.65 -3.36
CA LEU B 336 -13.82 6.24 -2.73
C LEU B 336 -15.12 5.80 -3.42
N ALA B 337 -15.08 5.64 -4.74
CA ALA B 337 -16.25 5.11 -5.46
C ALA B 337 -16.60 3.71 -4.98
N ALA B 338 -15.59 2.85 -4.85
CA ALA B 338 -15.80 1.49 -4.39
C ALA B 338 -16.30 1.44 -2.95
N MET B 339 -15.73 2.26 -2.08
CA MET B 339 -16.21 2.39 -0.69
C MET B 339 -17.66 2.82 -0.58
N ARG B 340 -18.05 3.80 -1.39
CA ARG B 340 -19.43 4.27 -1.34
C ARG B 340 -20.39 3.12 -1.70
N ALA B 341 -20.08 2.41 -2.77
CA ALA B 341 -20.90 1.26 -3.19
C ALA B 341 -20.94 0.19 -2.10
N THR B 342 -19.80 -0.09 -1.50
CA THR B 342 -19.74 -1.12 -0.47
C THR B 342 -20.56 -0.75 0.77
N PHE B 343 -20.37 0.44 1.29
CA PHE B 343 -21.12 0.83 2.50
C PHE B 343 -22.61 0.98 2.22
N ALA B 344 -22.99 1.49 1.05
CA ALA B 344 -24.40 1.72 0.75
C ALA B 344 -25.15 0.45 0.40
N GLU B 345 -24.51 -0.43 -0.37
CA GLU B 345 -25.22 -1.54 -1.04
C GLU B 345 -24.82 -2.92 -0.56
N VAL B 346 -23.67 -3.05 0.09
CA VAL B 346 -23.12 -4.37 0.43
C VAL B 346 -23.12 -4.65 1.94
N MET B 347 -22.57 -3.75 2.75
CA MET B 347 -22.42 -3.97 4.21
C MET B 347 -23.66 -3.61 4.99
N THR B 348 -24.76 -4.29 4.66
CA THR B 348 -26.06 -3.98 5.20
C THR B 348 -26.44 -4.96 6.29
N GLU B 349 -27.48 -4.60 7.03
CA GLU B 349 -28.02 -5.49 8.05
C GLU B 349 -28.47 -6.82 7.44
N ASP B 350 -29.12 -6.77 6.27
CA ASP B 350 -29.56 -8.00 5.60
C ASP B 350 -28.39 -8.92 5.17
N ALA B 351 -27.31 -8.32 4.67
CA ALA B 351 -26.13 -9.08 4.27
C ALA B 351 -25.54 -9.82 5.45
N TYR B 352 -25.38 -9.10 6.56
CA TYR B 352 -24.80 -9.70 7.76
C TYR B 352 -25.72 -10.79 8.31
N ARG B 353 -27.04 -10.58 8.24
CA ARG B 353 -27.97 -11.62 8.67
C ARG B 353 -27.76 -12.93 7.92
N HIS B 354 -27.66 -12.84 6.59
CA HIS B 354 -27.40 -14.00 5.78
C HIS B 354 -26.06 -14.65 6.12
N MET B 355 -25.02 -13.83 6.24
CA MET B 355 -23.69 -14.34 6.54
C MET B 355 -23.68 -15.08 7.88
N PHE B 356 -24.37 -14.51 8.87
CA PHE B 356 -24.40 -15.15 10.21
C PHE B 356 -25.13 -16.48 10.19
N GLN B 357 -26.24 -16.55 9.46
CA GLN B 357 -27.01 -17.79 9.39
C GLN B 357 -26.13 -18.91 8.84
N LEU B 358 -25.47 -18.64 7.72
CA LEU B 358 -24.67 -19.66 7.06
C LEU B 358 -23.42 -19.98 7.88
N ALA B 359 -22.78 -18.97 8.48
CA ALA B 359 -21.62 -19.22 9.33
C ALA B 359 -21.98 -20.02 10.58
N ALA B 360 -23.13 -19.73 11.18
CA ALA B 360 -23.58 -20.48 12.35
C ALA B 360 -23.84 -21.94 11.97
N GLN B 361 -24.44 -22.16 10.80
CA GLN B 361 -24.67 -23.53 10.25
C GLN B 361 -23.33 -24.23 10.08
N LEU B 362 -22.36 -23.53 9.48
CA LEU B 362 -21.03 -24.10 9.23
C LEU B 362 -20.34 -24.48 10.56
N GLU B 363 -20.33 -23.55 11.52
CA GLU B 363 -19.80 -23.76 12.87
C GLU B 363 -20.42 -24.98 13.53
N ALA B 364 -21.75 -25.02 13.54
CA ALA B 364 -22.46 -26.13 14.18
C ALA B 364 -22.09 -27.48 13.54
N GLY B 365 -21.93 -27.48 12.22
CA GLY B 365 -21.57 -28.70 11.49
C GLY B 365 -20.16 -29.17 11.83
N VAL B 366 -19.22 -28.23 11.88
CA VAL B 366 -17.83 -28.57 12.25
C VAL B 366 -17.83 -29.11 13.67
N ARG B 367 -18.52 -28.42 14.58
CA ARG B 367 -18.55 -28.84 15.97
C ARG B 367 -19.13 -30.24 16.12
N ALA B 368 -20.20 -30.55 15.39
CA ALA B 368 -20.78 -31.89 15.44
C ALA B 368 -19.77 -32.98 15.02
N THR B 369 -19.00 -32.69 13.96
CA THR B 369 -17.98 -33.62 13.45
C THR B 369 -16.86 -33.84 14.48
N LEU B 370 -16.36 -32.75 15.06
CA LEU B 370 -15.30 -32.84 16.07
C LEU B 370 -15.78 -33.65 17.29
N GLU B 371 -17.03 -33.42 17.70
CA GLU B 371 -17.60 -34.13 18.85
C GLU B 371 -17.83 -35.60 18.55
N GLU B 372 -18.39 -35.90 17.38
CA GLU B 372 -18.62 -37.29 16.97
C GLU B 372 -17.31 -38.10 16.89
N LEU B 373 -16.29 -37.52 16.27
CA LEU B 373 -14.98 -38.17 16.10
C LEU B 373 -14.07 -38.10 17.33
N ARG B 374 -14.51 -37.39 18.39
CA ARG B 374 -13.77 -37.28 19.65
C ARG B 374 -12.38 -36.65 19.44
N LEU B 375 -12.30 -35.65 18.56
CA LEU B 375 -11.05 -34.97 18.33
C LEU B 375 -10.83 -33.95 19.43
N PRO B 376 -9.58 -33.79 19.89
CA PRO B 376 -9.29 -32.79 20.93
C PRO B 376 -9.10 -31.41 20.29
N TRP B 377 -10.11 -30.99 19.54
CA TRP B 377 -10.10 -29.78 18.73
C TRP B 377 -11.35 -28.99 19.13
N HIS B 378 -11.38 -27.72 18.76
CA HIS B 378 -12.60 -26.93 18.97
C HIS B 378 -12.77 -25.97 17.82
N VAL B 379 -13.98 -25.42 17.76
CA VAL B 379 -14.31 -24.45 16.72
C VAL B 379 -14.90 -23.20 17.36
N THR B 380 -14.54 -22.06 16.78
CA THR B 380 -14.95 -20.75 17.23
C THR B 380 -15.50 -19.97 16.05
N ARG B 381 -16.48 -19.10 16.31
CA ARG B 381 -17.02 -18.22 15.30
C ARG B 381 -17.03 -16.77 15.81
N ILE B 382 -16.64 -15.86 14.94
CA ILE B 382 -16.87 -14.43 15.13
C ILE B 382 -17.64 -13.94 13.92
N GLY B 383 -18.95 -13.80 14.09
CA GLY B 383 -19.81 -13.30 13.01
C GLY B 383 -19.76 -14.25 11.82
N ALA B 384 -19.27 -13.75 10.69
CA ALA B 384 -19.21 -14.54 9.45
C ALA B 384 -17.99 -15.50 9.34
N ARG B 385 -17.08 -15.43 10.30
CA ARG B 385 -15.78 -16.09 10.22
C ARG B 385 -15.73 -17.23 11.20
N VAL B 386 -15.44 -18.45 10.72
CA VAL B 386 -15.41 -19.66 11.54
C VAL B 386 -14.03 -20.29 11.46
N GLU B 387 -13.45 -20.64 12.60
CA GLU B 387 -12.12 -21.26 12.58
C GLU B 387 -12.00 -22.29 13.67
N TYR B 388 -11.38 -23.41 13.32
CA TYR B 388 -11.04 -24.43 14.31
C TYR B 388 -9.53 -24.45 14.63
N LEU B 389 -9.24 -24.99 15.81
CA LEU B 389 -7.88 -25.07 16.36
C LEU B 389 -7.71 -26.47 16.96
N PHE B 390 -6.48 -26.98 16.92
CA PHE B 390 -6.18 -28.35 17.33
C PHE B 390 -5.87 -28.42 18.83
N MET B 391 -6.77 -27.88 19.64
CA MET B 391 -6.71 -28.00 21.10
C MET B 391 -8.14 -28.09 21.65
N THR B 392 -8.29 -28.66 22.83
CA THR B 392 -9.61 -28.97 23.36
C THR B 392 -10.43 -27.73 23.70
N HIS B 393 -9.79 -26.73 24.29
CA HIS B 393 -10.51 -25.55 24.77
C HIS B 393 -10.00 -24.30 24.07
N ALA B 394 -10.82 -23.26 24.10
CA ALA B 394 -10.43 -21.98 23.52
C ALA B 394 -9.11 -21.53 24.16
N PRO B 395 -8.18 -21.01 23.35
CA PRO B 395 -6.92 -20.52 23.89
C PRO B 395 -7.13 -19.26 24.70
N ARG B 396 -6.39 -19.12 25.79
CA ARG B 396 -6.46 -17.93 26.62
C ARG B 396 -5.63 -16.79 26.04
N ASN B 397 -4.66 -17.12 25.19
CA ASN B 397 -3.81 -16.11 24.58
C ASN B 397 -3.18 -16.66 23.31
N GLY B 398 -2.47 -15.81 22.58
CA GLY B 398 -1.87 -16.23 21.33
C GLY B 398 -0.79 -17.27 21.48
N GLY B 399 0.00 -17.17 22.55
CA GLY B 399 1.03 -18.15 22.86
C GLY B 399 0.44 -19.55 22.92
N GLU B 400 -0.66 -19.71 23.62
CA GLU B 400 -1.34 -21.02 23.72
C GLU B 400 -1.81 -21.50 22.36
N ALA B 401 -2.42 -20.60 21.61
CA ALA B 401 -2.98 -20.94 20.31
C ALA B 401 -1.90 -21.38 19.31
N HIS B 402 -0.74 -20.74 19.35
CA HIS B 402 0.37 -21.06 18.45
C HIS B 402 0.80 -22.53 18.55
N HIS B 403 0.75 -23.08 19.76
CA HIS B 403 1.08 -24.49 19.99
C HIS B 403 0.07 -25.47 19.42
N ALA B 404 -1.12 -25.01 19.06
CA ALA B 404 -2.19 -25.85 18.49
C ALA B 404 -2.26 -25.76 16.95
N ARG B 405 -1.20 -25.28 16.32
CA ARG B 405 -1.13 -25.17 14.87
C ARG B 405 -0.16 -26.23 14.38
N ASN B 406 -0.42 -26.78 13.20
CA ASN B 406 0.44 -27.80 12.60
C ASN B 406 0.34 -27.73 11.09
N GLY B 407 1.45 -27.45 10.42
CA GLY B 407 1.47 -27.23 8.98
C GLY B 407 1.04 -28.44 8.18
N LEU B 408 1.42 -29.64 8.62
CA LEU B 408 1.12 -30.85 7.87
C LEU B 408 -0.37 -31.17 7.93
N ILE B 409 -0.95 -31.14 9.12
CA ILE B 409 -2.37 -31.42 9.27
C ILE B 409 -3.18 -30.38 8.49
N GLU B 410 -2.79 -29.11 8.62
CA GLU B 410 -3.49 -28.04 7.93
C GLU B 410 -3.41 -28.21 6.41
N ALA B 411 -2.21 -28.47 5.89
CA ALA B 411 -2.03 -28.67 4.45
C ALA B 411 -2.85 -29.85 3.93
N CYS B 412 -2.86 -30.94 4.68
CA CYS B 412 -3.62 -32.14 4.28
C CYS B 412 -5.12 -31.86 4.22
N LEU B 413 -5.67 -31.24 5.27
CA LEU B 413 -7.09 -30.90 5.28
C LEU B 413 -7.44 -29.95 4.13
N HIS B 414 -6.64 -28.89 3.97
CA HIS B 414 -6.87 -27.91 2.93
C HIS B 414 -6.82 -28.54 1.54
N LEU B 415 -5.85 -29.41 1.31
CA LEU B 415 -5.68 -30.01 -0.03
C LEU B 415 -6.81 -31.00 -0.32
N TYR B 416 -7.19 -31.78 0.68
CA TYR B 416 -8.28 -32.74 0.49
C TYR B 416 -9.55 -31.99 0.04
N LEU B 417 -9.86 -30.87 0.70
CA LEU B 417 -11.02 -30.06 0.33
C LEU B 417 -10.85 -29.41 -1.05
N LEU B 418 -9.65 -28.89 -1.32
CA LEU B 418 -9.40 -28.25 -2.63
C LEU B 418 -9.64 -29.23 -3.78
N ASN B 419 -9.12 -30.46 -3.65
CA ASN B 419 -9.27 -31.48 -4.69
C ASN B 419 -10.71 -31.93 -4.91
N ARG B 420 -11.61 -31.55 -4.00
CA ARG B 420 -13.02 -31.91 -4.09
C ARG B 420 -13.93 -30.67 -4.16
N GLY B 421 -13.36 -29.54 -4.55
CA GLY B 421 -14.13 -28.36 -4.92
C GLY B 421 -14.46 -27.36 -3.83
N VAL B 422 -13.67 -27.31 -2.75
CA VAL B 422 -13.83 -26.29 -1.73
C VAL B 422 -12.48 -25.62 -1.45
N LEU B 423 -12.44 -24.29 -1.59
CA LEU B 423 -11.24 -23.52 -1.32
C LEU B 423 -11.31 -22.89 0.05
N LEU B 424 -10.28 -23.18 0.85
CA LEU B 424 -10.08 -22.56 2.16
C LEU B 424 -8.76 -21.81 2.05
N THR B 425 -8.69 -20.66 2.69
CA THR B 425 -7.44 -19.92 2.72
C THR B 425 -6.35 -20.78 3.33
N PRO B 426 -5.14 -20.77 2.72
CA PRO B 426 -4.14 -21.70 3.19
C PRO B 426 -3.50 -21.28 4.50
N PHE B 427 -3.79 -20.07 4.97
CA PHE B 427 -3.06 -19.51 6.12
C PHE B 427 -3.75 -19.74 7.44
N HIS B 428 -4.95 -20.30 7.42
CA HIS B 428 -5.79 -20.42 8.62
C HIS B 428 -6.60 -21.70 8.49
N ASN B 429 -7.22 -22.16 9.56
CA ASN B 429 -8.21 -23.23 9.46
C ASN B 429 -9.60 -22.61 9.50
N MET B 430 -9.84 -21.67 8.60
CA MET B 430 -11.02 -20.81 8.67
C MET B 430 -11.86 -20.93 7.43
N ALA B 431 -13.15 -20.64 7.58
CA ALA B 431 -14.08 -20.47 6.48
C ALA B 431 -14.83 -19.16 6.68
N LEU B 432 -14.99 -18.39 5.61
CA LEU B 432 -15.65 -17.11 5.66
C LEU B 432 -16.89 -17.21 4.77
N THR B 433 -18.05 -16.78 5.29
CA THR B 433 -19.27 -16.74 4.49
C THR B 433 -19.50 -15.32 4.01
N CYS B 434 -20.11 -15.21 2.83
CA CYS B 434 -20.44 -13.91 2.25
C CYS B 434 -21.91 -13.96 1.79
N PRO B 435 -22.46 -12.81 1.34
CA PRO B 435 -23.85 -12.81 0.90
C PRO B 435 -24.21 -13.80 -0.22
N ALA B 436 -23.22 -14.18 -1.06
CA ALA B 436 -23.43 -15.12 -2.14
C ALA B 436 -23.27 -16.59 -1.74
N THR B 437 -22.77 -16.86 -0.53
CA THR B 437 -22.69 -18.24 -0.05
C THR B 437 -24.07 -18.85 0.08
N ARG B 438 -24.20 -20.11 -0.33
CA ARG B 438 -25.46 -20.84 -0.27
C ARG B 438 -25.37 -21.97 0.75
N ALA B 439 -26.53 -22.38 1.24
CA ALA B 439 -26.61 -23.52 2.15
C ALA B 439 -25.95 -24.78 1.59
N GLU B 440 -26.11 -25.03 0.29
CA GLU B 440 -25.47 -26.19 -0.34
C GLU B 440 -23.94 -26.15 -0.28
N ASP B 441 -23.37 -24.94 -0.27
CA ASP B 441 -21.93 -24.75 -0.15
C ASP B 441 -21.46 -25.14 1.25
N VAL B 442 -22.22 -24.73 2.26
CA VAL B 442 -21.92 -25.12 3.64
C VAL B 442 -22.02 -26.63 3.79
N GLU B 443 -23.05 -27.22 3.19
CA GLU B 443 -23.26 -28.67 3.24
C GLU B 443 -22.08 -29.43 2.61
N LEU B 444 -21.56 -28.91 1.50
CA LEU B 444 -20.41 -29.53 0.86
C LEU B 444 -19.17 -29.45 1.75
N HIS B 445 -18.88 -28.27 2.28
CA HIS B 445 -17.78 -28.12 3.24
C HIS B 445 -17.93 -29.13 4.38
N ASP B 446 -19.12 -29.20 4.94
CA ASP B 446 -19.34 -30.05 6.09
C ASP B 446 -19.07 -31.51 5.78
N ARG B 447 -19.60 -31.98 4.67
CA ARG B 447 -19.43 -33.36 4.25
C ARG B 447 -17.97 -33.72 3.95
N LEU B 448 -17.28 -32.84 3.22
CA LEU B 448 -15.89 -33.11 2.87
C LEU B 448 -14.96 -33.15 4.09
N LEU B 449 -15.18 -32.24 5.03
CA LEU B 449 -14.37 -32.23 6.25
C LEU B 449 -14.59 -33.49 7.04
N ARG B 450 -15.85 -33.91 7.16
CA ARG B 450 -16.16 -35.16 7.85
C ARG B 450 -15.51 -36.36 7.14
N ASP B 451 -15.56 -36.36 5.81
CA ASP B 451 -14.93 -37.40 5.01
C ASP B 451 -13.40 -37.47 5.23
N CYS B 452 -12.76 -36.32 5.20
CA CYS B 452 -11.32 -36.23 5.35
C CYS B 452 -10.89 -36.74 6.73
N LEU B 453 -11.52 -36.21 7.77
CA LEU B 453 -11.19 -36.62 9.15
C LEU B 453 -11.48 -38.09 9.37
N GLY B 454 -12.58 -38.56 8.78
CA GLY B 454 -12.91 -39.98 8.77
C GLY B 454 -11.83 -40.88 8.19
N GLU B 455 -11.25 -40.47 7.06
CA GLU B 455 -10.17 -41.25 6.42
C GLU B 455 -8.93 -41.29 7.32
N LEU B 456 -8.62 -40.17 7.96
CA LEU B 456 -7.47 -40.08 8.87
C LEU B 456 -7.61 -40.93 10.15
N LEU B 457 -8.83 -41.06 10.67
CA LEU B 457 -9.08 -41.80 11.92
C LEU B 457 -9.54 -43.25 11.68
#